data_4EE4
#
_entry.id   4EE4
#
_cell.length_a   107.364
_cell.length_b   195.969
_cell.length_c   143.776
_cell.angle_alpha   90.00
_cell.angle_beta   90.00
_cell.angle_gamma   90.00
#
_symmetry.space_group_name_H-M   'C 2 2 21'
#
loop_
_entity.id
_entity.type
_entity.pdbx_description
1 polymer 'Beta-1,4-galactosyltransferase 1'
2 branched 2-acetamido-2-deoxy-beta-D-glucopyranose-(1-3)-[2-acetamido-2-deoxy-beta-D-glucopyranose-(1-6)]beta-D-galactopyranose-(1-4)-beta-D-glucopyranose
3 non-polymer "URIDINE-5'-DIPHOSPHATE"
4 non-polymer 'MANGANESE (II) ION'
5 non-polymer 'SULFATE ION'
6 non-polymer GLYCEROL
7 water water
#
_entity_poly.entity_id   1
_entity_poly.type   'polypeptide(L)'
_entity_poly.pdbx_seq_one_letter_code
;ASMTGGQQMGRGSASLPACPEESPLLVGPMLIEFNMPVDLELVAKQNPNVKMGGRYAPRDCVSPHKVAIIIPFRNRQEHL
KYWLYYLHPVLQRQQLDYGIYVINQAGDTIFNRAKLLNVGFQEALKDYDYTCFVFSDVDLIPMNDHNAYRCFSQPRHISV
AMDKFGFSLPYVQYFGGVSALSKQQFLTINGFPNNYWGWGGEDDDIFNRLVFRGMSISRPNAVVGTTRHIRHSRDKKNEP
NPQRFDRIAHTKETMLSDGLNSLTYQVLDVQRYPLYTQITVDIGTPS
;
_entity_poly.pdbx_strand_id   A,B,C
#
# COMPACT_ATOMS: atom_id res chain seq x y z
N SER A 15 30.54 -13.83 -6.56
CA SER A 15 29.78 -14.29 -5.35
C SER A 15 28.72 -13.27 -4.86
N LEU A 16 27.56 -13.18 -5.54
CA LEU A 16 26.38 -12.52 -4.99
C LEU A 16 25.98 -13.19 -3.65
N PRO A 17 25.57 -12.40 -2.64
CA PRO A 17 25.16 -13.10 -1.39
C PRO A 17 23.77 -13.73 -1.60
N ALA A 18 23.35 -14.58 -0.68
CA ALA A 18 22.00 -15.15 -0.71
C ALA A 18 20.98 -14.02 -0.56
N CYS A 19 19.81 -14.15 -1.19
CA CYS A 19 18.75 -13.19 -0.95
C CYS A 19 18.37 -13.30 0.52
N PRO A 20 17.80 -12.23 1.10
CA PRO A 20 17.23 -12.41 2.46
C PRO A 20 16.19 -13.55 2.42
N GLU A 21 16.03 -14.23 3.56
CA GLU A 21 15.04 -15.30 3.71
C GLU A 21 13.61 -14.88 3.36
N GLU A 22 13.16 -13.71 3.83
CA GLU A 22 11.93 -13.17 3.33
C GLU A 22 12.28 -11.92 2.56
N SER A 23 11.62 -11.70 1.43
CA SER A 23 11.94 -10.54 0.62
C SER A 23 11.55 -9.24 1.35
N PRO A 24 12.43 -8.21 1.31
CA PRO A 24 12.11 -6.89 1.89
C PRO A 24 11.29 -6.02 0.96
N LEU A 25 11.06 -6.52 -0.27
CA LEU A 25 10.42 -5.73 -1.30
C LEU A 25 8.91 -5.79 -1.22
N LEU A 26 8.33 -6.67 -0.37
CA LEU A 26 6.91 -6.99 -0.52
C LEU A 26 6.03 -5.85 0.02
N VAL A 27 4.87 -5.59 -0.60
CA VAL A 27 3.98 -4.54 -0.13
C VAL A 27 2.67 -5.06 0.49
N GLY A 28 2.49 -6.38 0.51
CA GLY A 28 1.30 -6.95 1.17
C GLY A 28 0.10 -6.90 0.27
N PRO A 29 -1.04 -6.38 0.77
CA PRO A 29 -2.28 -6.56 0.06
C PRO A 29 -2.32 -5.64 -1.15
N MET A 30 -3.00 -6.06 -2.22
CA MET A 30 -2.94 -5.39 -3.52
C MET A 30 -4.32 -5.25 -4.05
N LEU A 31 -4.53 -4.22 -4.86
CA LEU A 31 -5.76 -4.09 -5.60
C LEU A 31 -5.77 -4.83 -6.95
N ILE A 32 -6.76 -5.72 -7.14
CA ILE A 32 -6.82 -6.59 -8.32
C ILE A 32 -8.13 -6.38 -9.04
N GLU A 33 -8.10 -6.15 -10.34
CA GLU A 33 -9.34 -5.97 -11.11
C GLU A 33 -9.14 -6.49 -12.50
N PHE A 34 -10.22 -6.97 -13.09
CA PHE A 34 -10.23 -7.62 -14.40
C PHE A 34 -11.16 -6.96 -15.44
N ASN A 35 -11.20 -5.64 -15.49
CA ASN A 35 -12.19 -5.07 -16.39
C ASN A 35 -11.55 -4.01 -17.28
N MET A 36 -10.23 -4.05 -17.41
CA MET A 36 -9.54 -3.15 -18.32
C MET A 36 -8.82 -3.99 -19.37
N PRO A 37 -8.50 -3.39 -20.52
CA PRO A 37 -7.71 -4.16 -21.51
C PRO A 37 -6.25 -4.28 -21.09
N VAL A 38 -5.58 -5.32 -21.57
CA VAL A 38 -4.19 -5.53 -21.18
C VAL A 38 -3.34 -5.63 -22.44
N ASP A 39 -2.20 -4.96 -22.45
CA ASP A 39 -1.38 -4.99 -23.64
C ASP A 39 -0.02 -5.57 -23.29
N LEU A 40 0.27 -6.75 -23.82
CA LEU A 40 1.45 -7.48 -23.33
C LEU A 40 2.73 -6.82 -23.79
N GLU A 41 2.70 -6.15 -24.94
CA GLU A 41 3.85 -5.29 -25.25
C GLU A 41 4.13 -4.26 -24.16
N LEU A 42 3.06 -3.66 -23.67
CA LEU A 42 3.18 -2.70 -22.58
C LEU A 42 3.59 -3.41 -21.27
N VAL A 43 3.00 -4.56 -20.98
CA VAL A 43 3.46 -5.30 -19.80
C VAL A 43 4.94 -5.63 -19.91
N ALA A 44 5.39 -6.05 -21.10
CA ALA A 44 6.82 -6.30 -21.28
C ALA A 44 7.65 -5.06 -20.95
N LYS A 45 7.21 -3.90 -21.45
CA LYS A 45 7.95 -2.65 -21.16
C LYS A 45 7.91 -2.22 -19.68
N GLN A 46 6.78 -2.45 -19.02
CA GLN A 46 6.71 -2.33 -17.55
C GLN A 46 7.53 -3.35 -16.73
N ASN A 47 7.93 -4.45 -17.39
CA ASN A 47 8.75 -5.47 -16.73
C ASN A 47 10.07 -5.69 -17.45
N PRO A 48 10.84 -4.60 -17.60
CA PRO A 48 12.05 -4.72 -18.42
C PRO A 48 12.99 -5.81 -17.95
N ASN A 49 12.92 -6.27 -16.71
CA ASN A 49 13.92 -7.24 -16.32
C ASN A 49 13.54 -8.69 -16.63
N VAL A 50 12.33 -8.92 -17.14
CA VAL A 50 11.90 -10.27 -17.44
C VAL A 50 12.49 -10.57 -18.82
N LYS A 51 13.32 -11.60 -18.88
CA LYS A 51 14.00 -12.03 -20.11
C LYS A 51 13.20 -12.98 -20.97
N MET A 52 13.68 -13.20 -22.19
CA MET A 52 12.88 -13.86 -23.21
C MET A 52 12.41 -15.21 -22.66
N GLY A 53 11.14 -15.52 -22.89
CA GLY A 53 10.56 -16.77 -22.39
C GLY A 53 10.00 -16.67 -20.97
N GLY A 54 10.00 -15.44 -20.44
CA GLY A 54 9.53 -15.11 -19.09
C GLY A 54 10.42 -15.60 -17.97
N ARG A 55 11.70 -15.28 -18.05
CA ARG A 55 12.68 -15.76 -17.10
C ARG A 55 13.18 -14.56 -16.33
N TYR A 56 13.37 -14.71 -15.02
CA TYR A 56 13.88 -13.64 -14.21
C TYR A 56 14.63 -14.25 -13.08
N ALA A 57 15.77 -13.66 -12.71
CA ALA A 57 16.35 -13.90 -11.40
C ALA A 57 16.87 -12.55 -10.87
N PRO A 58 17.01 -12.40 -9.55
CA PRO A 58 17.40 -11.07 -9.08
C PRO A 58 18.83 -10.70 -9.49
N ARG A 59 19.07 -9.43 -9.79
CA ARG A 59 20.43 -8.97 -10.05
C ARG A 59 21.30 -8.93 -8.80
N ASP A 60 20.74 -8.68 -7.62
CA ASP A 60 21.59 -8.37 -6.46
C ASP A 60 21.90 -9.49 -5.48
N CYS A 61 21.26 -10.63 -5.65
CA CYS A 61 21.45 -11.72 -4.70
C CYS A 61 20.97 -13.00 -5.41
N VAL A 62 21.34 -14.14 -4.86
CA VAL A 62 21.02 -15.46 -5.39
C VAL A 62 19.84 -16.05 -4.62
N SER A 63 18.74 -16.31 -5.34
CA SER A 63 17.59 -16.93 -4.73
C SER A 63 17.81 -18.44 -4.60
N PRO A 64 17.47 -19.04 -3.43
CA PRO A 64 17.42 -20.51 -3.30
C PRO A 64 16.17 -21.03 -3.99
N HIS A 65 15.29 -20.17 -4.48
CA HIS A 65 14.06 -20.61 -5.05
C HIS A 65 14.15 -20.63 -6.58
N LYS A 66 14.24 -21.84 -7.16
CA LYS A 66 14.40 -21.99 -8.63
C LYS A 66 13.13 -22.60 -9.07
N VAL A 67 12.24 -21.73 -9.50
CA VAL A 67 10.85 -22.05 -9.60
C VAL A 67 10.36 -22.10 -11.06
N ALA A 68 9.81 -23.22 -11.50
CA ALA A 68 9.13 -23.18 -12.79
C ALA A 68 7.66 -23.04 -12.47
N ILE A 69 6.98 -22.07 -13.06
CA ILE A 69 5.54 -21.90 -12.87
C ILE A 69 4.81 -22.45 -14.07
N ILE A 70 3.86 -23.35 -13.81
CA ILE A 70 3.32 -24.19 -14.83
C ILE A 70 1.83 -23.96 -14.91
N ILE A 71 1.39 -23.49 -16.07
CA ILE A 71 -0.01 -23.16 -16.27
C ILE A 71 -0.65 -24.11 -17.30
N PRO A 72 -1.70 -24.88 -16.90
CA PRO A 72 -2.38 -25.65 -17.94
C PRO A 72 -3.29 -24.72 -18.73
N PHE A 73 -3.44 -24.96 -20.03
CA PHE A 73 -4.00 -23.90 -20.86
C PHE A 73 -4.65 -24.46 -22.12
N ARG A 74 -5.86 -24.01 -22.44
CA ARG A 74 -6.28 -23.95 -23.85
C ARG A 74 -7.32 -22.82 -24.01
N ASN A 75 -7.12 -21.90 -24.97
CA ASN A 75 -8.21 -20.96 -25.33
C ASN A 75 -8.55 -20.06 -24.12
N ARG A 76 -7.52 -19.55 -23.46
CA ARG A 76 -7.78 -18.61 -22.36
C ARG A 76 -6.80 -17.44 -22.48
N GLN A 77 -6.67 -16.88 -23.68
CA GLN A 77 -5.63 -15.86 -23.86
C GLN A 77 -5.94 -14.61 -23.00
N GLU A 78 -7.21 -14.30 -22.84
CA GLU A 78 -7.53 -13.05 -22.18
C GLU A 78 -7.17 -13.22 -20.69
N HIS A 79 -7.50 -14.38 -20.11
CA HIS A 79 -7.13 -14.63 -18.71
C HIS A 79 -5.63 -14.56 -18.56
N LEU A 80 -4.91 -15.22 -19.47
CA LEU A 80 -3.45 -15.26 -19.42
C LEU A 80 -2.80 -13.87 -19.38
N LYS A 81 -3.34 -12.91 -20.15
CA LYS A 81 -2.72 -11.56 -20.07
C LYS A 81 -2.93 -10.95 -18.70
N TYR A 82 -4.11 -11.12 -18.09
CA TYR A 82 -4.26 -10.65 -16.70
C TYR A 82 -3.22 -11.35 -15.79
N TRP A 83 -3.09 -12.67 -15.99
CA TRP A 83 -2.21 -13.44 -15.10
C TRP A 83 -0.84 -12.84 -15.21
N LEU A 84 -0.41 -12.60 -16.43
CA LEU A 84 0.98 -12.15 -16.62
C LEU A 84 1.18 -10.71 -16.13
N TYR A 85 0.19 -9.86 -16.42
CA TYR A 85 0.16 -8.47 -15.86
C TYR A 85 0.29 -8.42 -14.33
N TYR A 86 -0.44 -9.28 -13.62
CA TYR A 86 -0.38 -9.26 -12.14
C TYR A 86 0.78 -10.04 -11.56
N LEU A 87 1.04 -11.26 -12.04
CA LEU A 87 2.09 -12.09 -11.43
C LEU A 87 3.50 -11.63 -11.66
N HIS A 88 3.80 -11.14 -12.86
CA HIS A 88 5.20 -10.89 -13.10
C HIS A 88 5.75 -9.88 -12.05
N PRO A 89 5.02 -8.75 -11.79
CA PRO A 89 5.64 -7.87 -10.76
C PRO A 89 5.75 -8.54 -9.38
N VAL A 90 4.78 -9.39 -9.04
CA VAL A 90 4.77 -10.01 -7.72
C VAL A 90 5.91 -11.01 -7.62
N LEU A 91 6.12 -11.80 -8.68
CA LEU A 91 7.14 -12.85 -8.58
C LEU A 91 8.52 -12.20 -8.49
N GLN A 92 8.72 -11.05 -9.16
CA GLN A 92 10.03 -10.37 -9.01
C GLN A 92 10.20 -9.80 -7.62
N ARG A 93 9.13 -9.25 -7.05
CA ARG A 93 9.27 -8.73 -5.65
C ARG A 93 9.61 -9.82 -4.66
N GLN A 94 9.14 -11.04 -4.97
CA GLN A 94 9.47 -12.21 -4.15
C GLN A 94 10.89 -12.71 -4.35
N GLN A 95 11.62 -12.10 -5.24
CA GLN A 95 13.06 -12.39 -5.38
C GLN A 95 13.34 -13.85 -5.81
N LEU A 96 12.48 -14.36 -6.67
CA LEU A 96 12.55 -15.76 -7.13
C LEU A 96 13.41 -15.83 -8.40
N ASP A 97 14.01 -16.99 -8.67
CA ASP A 97 14.70 -17.24 -9.95
C ASP A 97 13.68 -18.10 -10.67
N TYR A 98 12.86 -17.52 -11.55
CA TYR A 98 11.71 -18.26 -12.03
C TYR A 98 11.58 -18.25 -13.53
N GLY A 99 10.68 -19.07 -14.09
CA GLY A 99 10.32 -19.02 -15.52
C GLY A 99 8.87 -19.41 -15.61
N ILE A 100 8.17 -18.88 -16.57
CA ILE A 100 6.78 -19.16 -16.77
C ILE A 100 6.62 -20.12 -17.94
N TYR A 101 5.80 -21.17 -17.77
CA TYR A 101 5.52 -22.20 -18.82
C TYR A 101 4.02 -22.29 -19.00
N VAL A 102 3.48 -22.00 -20.18
CA VAL A 102 2.06 -22.21 -20.43
C VAL A 102 1.97 -23.47 -21.26
N ILE A 103 1.23 -24.47 -20.76
CA ILE A 103 1.26 -25.77 -21.44
C ILE A 103 -0.03 -25.81 -22.19
N ASN A 104 0.09 -25.57 -23.50
CA ASN A 104 -1.08 -25.42 -24.35
C ASN A 104 -1.56 -26.77 -24.93
N GLN A 105 -2.78 -27.21 -24.66
CA GLN A 105 -3.23 -28.51 -25.13
C GLN A 105 -3.62 -28.33 -26.61
N ALA A 106 -2.86 -28.96 -27.51
CA ALA A 106 -3.22 -29.05 -28.94
C ALA A 106 -4.56 -29.72 -29.14
N GLY A 107 -5.28 -29.32 -30.20
CA GLY A 107 -6.51 -30.02 -30.55
C GLY A 107 -7.78 -29.60 -29.86
N ASP A 108 -8.87 -30.31 -30.11
CA ASP A 108 -10.16 -29.87 -29.62
C ASP A 108 -10.90 -30.93 -28.88
N THR A 109 -10.17 -31.92 -28.33
CA THR A 109 -10.80 -33.01 -27.59
C THR A 109 -10.72 -32.74 -26.06
N ILE A 110 -11.35 -33.60 -25.28
CA ILE A 110 -11.52 -33.35 -23.84
C ILE A 110 -10.21 -32.90 -23.17
N PHE A 111 -10.32 -31.86 -22.36
CA PHE A 111 -9.21 -31.24 -21.65
C PHE A 111 -8.68 -32.20 -20.54
N ASN A 112 -7.37 -32.11 -20.31
CA ASN A 112 -6.71 -32.91 -19.26
C ASN A 112 -5.72 -32.08 -18.44
N ARG A 113 -6.25 -31.39 -17.47
CA ARG A 113 -5.39 -30.49 -16.66
C ARG A 113 -4.15 -31.12 -16.10
N ALA A 114 -4.31 -32.25 -15.40
CA ALA A 114 -3.17 -32.85 -14.65
C ALA A 114 -2.12 -33.44 -15.60
N LYS A 115 -2.57 -33.93 -16.78
CA LYS A 115 -1.52 -34.45 -17.70
C LYS A 115 -0.71 -33.31 -18.21
N LEU A 116 -1.38 -32.18 -18.48
CA LEU A 116 -0.59 -31.00 -18.96
C LEU A 116 0.41 -30.53 -17.92
N LEU A 117 -0.05 -30.55 -16.66
CA LEU A 117 0.87 -30.23 -15.58
C LEU A 117 2.09 -31.17 -15.57
N ASN A 118 1.88 -32.48 -15.79
CA ASN A 118 3.08 -33.33 -15.88
C ASN A 118 4.06 -32.98 -17.01
N VAL A 119 3.48 -32.64 -18.15
CA VAL A 119 4.31 -32.23 -19.32
C VAL A 119 5.14 -31.01 -18.94
N GLY A 120 4.47 -30.08 -18.24
CA GLY A 120 5.15 -28.86 -17.82
C GLY A 120 6.35 -29.19 -16.95
N PHE A 121 6.14 -30.08 -15.97
CA PHE A 121 7.27 -30.46 -15.08
C PHE A 121 8.41 -31.04 -15.92
N GLN A 122 8.04 -32.00 -16.79
CA GLN A 122 9.12 -32.71 -17.51
C GLN A 122 9.83 -31.77 -18.50
N GLU A 123 9.08 -30.88 -19.17
CA GLU A 123 9.75 -29.98 -20.17
C GLU A 123 10.48 -28.81 -19.52
N ALA A 124 9.95 -28.24 -18.44
CA ALA A 124 10.74 -27.15 -17.83
C ALA A 124 12.07 -27.63 -17.40
N LEU A 125 12.15 -28.86 -16.90
CA LEU A 125 13.45 -29.40 -16.44
C LEU A 125 14.50 -29.42 -17.54
N LYS A 126 14.06 -29.45 -18.79
CA LYS A 126 15.02 -29.46 -19.87
C LYS A 126 15.65 -28.08 -20.09
N ASP A 127 15.00 -27.03 -19.58
CA ASP A 127 15.53 -25.65 -19.71
C ASP A 127 16.57 -25.34 -18.68
N TYR A 128 16.38 -25.82 -17.44
CA TYR A 128 17.12 -25.24 -16.36
C TYR A 128 16.93 -26.17 -15.17
N ASP A 129 17.89 -26.15 -14.26
CA ASP A 129 17.85 -26.93 -13.00
C ASP A 129 16.79 -26.42 -12.00
N TYR A 130 15.51 -26.38 -12.38
CA TYR A 130 14.45 -25.99 -11.44
C TYR A 130 14.35 -27.01 -10.30
N THR A 131 14.13 -26.53 -9.07
CA THR A 131 13.93 -27.49 -7.97
C THR A 131 12.60 -27.25 -7.29
N CYS A 132 11.79 -26.32 -7.81
CA CYS A 132 10.48 -26.00 -7.24
C CYS A 132 9.50 -25.84 -8.40
N PHE A 133 8.29 -26.33 -8.26
CA PHE A 133 7.28 -26.21 -9.27
C PHE A 133 6.02 -25.63 -8.71
N VAL A 134 5.56 -24.53 -9.31
CA VAL A 134 4.25 -24.04 -8.95
C VAL A 134 3.27 -24.37 -10.07
N PHE A 135 2.14 -24.93 -9.71
CA PHE A 135 1.12 -25.31 -10.66
C PHE A 135 -0.01 -24.35 -10.44
N SER A 136 -0.25 -23.43 -11.40
CA SER A 136 -1.26 -22.43 -11.24
C SER A 136 -2.28 -22.45 -12.36
N ASP A 137 -3.56 -22.57 -12.00
CA ASP A 137 -4.58 -22.22 -12.96
C ASP A 137 -4.40 -20.77 -13.46
N VAL A 138 -4.89 -20.50 -14.67
CA VAL A 138 -4.59 -19.26 -15.36
C VAL A 138 -5.49 -18.12 -14.90
N ASP A 139 -6.56 -18.46 -14.20
CA ASP A 139 -7.55 -17.50 -13.80
C ASP A 139 -7.53 -17.21 -12.30
N LEU A 140 -6.40 -17.48 -11.62
CA LEU A 140 -6.29 -17.20 -10.18
C LEU A 140 -5.16 -16.23 -9.93
N ILE A 141 -5.46 -15.14 -9.25
CA ILE A 141 -4.47 -14.08 -9.07
C ILE A 141 -4.42 -13.82 -7.56
N PRO A 142 -3.22 -13.84 -6.99
CA PRO A 142 -3.10 -13.67 -5.57
C PRO A 142 -3.32 -12.18 -5.20
N MET A 143 -3.98 -11.95 -4.06
CA MET A 143 -4.20 -10.54 -3.63
C MET A 143 -3.19 -10.00 -2.65
N ASN A 144 -2.26 -10.84 -2.22
CA ASN A 144 -1.29 -10.40 -1.26
C ASN A 144 0.07 -10.95 -1.60
N ASP A 145 1.09 -10.10 -1.80
CA ASP A 145 2.38 -10.64 -2.25
C ASP A 145 3.22 -11.30 -1.19
N HIS A 146 2.69 -11.38 0.03
CA HIS A 146 3.29 -12.21 1.01
C HIS A 146 2.94 -13.72 0.82
N ASN A 147 2.04 -14.03 -0.09
CA ASN A 147 1.66 -15.40 -0.39
C ASN A 147 2.76 -15.97 -1.34
N ALA A 148 3.69 -16.76 -0.79
CA ALA A 148 4.97 -17.03 -1.48
C ALA A 148 4.74 -18.08 -2.59
N TYR A 149 5.22 -17.77 -3.79
CA TYR A 149 5.01 -18.65 -4.95
C TYR A 149 6.25 -19.51 -5.08
N ARG A 150 6.58 -20.26 -4.02
CA ARG A 150 7.76 -21.14 -4.08
C ARG A 150 7.51 -22.34 -3.12
N CYS A 151 8.48 -23.24 -2.99
CA CYS A 151 8.31 -24.55 -2.28
C CYS A 151 8.68 -24.41 -0.79
N PHE A 152 8.13 -25.30 0.04
CA PHE A 152 8.37 -25.40 1.47
C PHE A 152 8.75 -26.82 1.82
N SER A 153 8.92 -27.15 3.10
CA SER A 153 9.42 -28.49 3.43
C SER A 153 8.25 -29.50 3.27
N GLN A 154 7.02 -29.02 3.17
CA GLN A 154 5.90 -29.86 2.80
C GLN A 154 5.21 -29.28 1.59
N PRO A 155 4.43 -30.07 0.84
CA PRO A 155 3.66 -29.53 -0.30
C PRO A 155 2.83 -28.31 0.11
N ARG A 156 2.74 -27.30 -0.76
CA ARG A 156 2.21 -25.97 -0.37
C ARG A 156 0.99 -25.68 -1.16
N HIS A 157 -0.12 -25.40 -0.46
CA HIS A 157 -1.31 -25.02 -1.14
C HIS A 157 -1.37 -23.50 -1.02
N ILE A 158 -1.51 -22.81 -2.15
CA ILE A 158 -1.28 -21.36 -2.26
C ILE A 158 -2.59 -20.57 -2.36
N SER A 159 -3.53 -21.08 -3.16
CA SER A 159 -4.78 -20.38 -3.35
C SER A 159 -5.79 -20.78 -2.27
N VAL A 160 -5.55 -20.38 -1.01
CA VAL A 160 -6.32 -20.92 0.08
C VAL A 160 -7.61 -20.16 0.42
N ALA A 161 -7.76 -18.90 0.00
CA ALA A 161 -8.95 -18.12 0.39
C ALA A 161 -9.43 -17.41 -0.86
N MET A 162 -10.04 -18.19 -1.76
CA MET A 162 -10.53 -17.68 -3.02
C MET A 162 -11.86 -16.99 -2.82
N ASP A 163 -12.02 -15.88 -3.49
CA ASP A 163 -13.30 -15.13 -3.43
C ASP A 163 -14.46 -16.02 -3.78
N LYS A 164 -14.31 -16.82 -4.83
CA LYS A 164 -15.46 -17.61 -5.25
C LYS A 164 -15.81 -18.68 -4.21
N PHE A 165 -14.95 -18.96 -3.23
CA PHE A 165 -15.40 -19.84 -2.13
C PHE A 165 -15.55 -19.04 -0.82
N GLY A 166 -15.87 -17.75 -0.93
CA GLY A 166 -16.10 -16.93 0.25
C GLY A 166 -14.82 -16.64 1.03
N PHE A 167 -13.70 -16.56 0.35
CA PHE A 167 -12.44 -16.25 1.02
C PHE A 167 -12.07 -17.26 2.11
N SER A 168 -12.40 -18.55 1.90
CA SER A 168 -11.88 -19.65 2.72
C SER A 168 -11.79 -20.93 1.85
N LEU A 169 -11.51 -22.08 2.48
CA LEU A 169 -11.26 -23.27 1.66
C LEU A 169 -12.63 -23.86 1.47
N PRO A 170 -12.92 -24.48 0.32
CA PRO A 170 -14.24 -25.09 0.16
C PRO A 170 -14.37 -26.35 1.03
N TYR A 171 -13.26 -27.04 1.24
CA TYR A 171 -13.17 -28.12 2.21
C TYR A 171 -11.73 -28.22 2.64
N VAL A 172 -11.45 -28.76 3.84
CA VAL A 172 -10.06 -28.62 4.35
C VAL A 172 -9.07 -29.47 3.59
N GLN A 173 -9.54 -30.45 2.80
CA GLN A 173 -8.57 -31.22 1.99
C GLN A 173 -8.46 -30.69 0.54
N TYR A 174 -9.05 -29.53 0.31
CA TYR A 174 -8.98 -28.93 -0.99
C TYR A 174 -7.55 -28.56 -1.39
N PHE A 175 -7.09 -28.99 -2.58
CA PHE A 175 -5.72 -28.72 -2.93
C PHE A 175 -5.71 -28.13 -4.39
N GLY A 176 -6.85 -27.67 -4.89
CA GLY A 176 -6.87 -27.09 -6.26
C GLY A 176 -6.35 -25.66 -6.37
N GLY A 177 -6.19 -25.18 -7.62
CA GLY A 177 -6.05 -23.78 -7.86
C GLY A 177 -4.62 -23.49 -8.14
N VAL A 178 -3.90 -23.24 -7.07
CA VAL A 178 -2.51 -22.93 -7.16
C VAL A 178 -1.85 -23.69 -6.07
N SER A 179 -0.78 -24.39 -6.43
CA SER A 179 -0.03 -25.14 -5.41
C SER A 179 1.43 -25.19 -5.79
N ALA A 180 2.29 -25.58 -4.86
CA ALA A 180 3.72 -25.68 -5.14
C ALA A 180 4.27 -26.99 -4.55
N LEU A 181 5.04 -27.72 -5.35
CA LEU A 181 5.71 -28.92 -4.87
C LEU A 181 7.19 -28.80 -5.19
N SER A 182 8.05 -29.16 -4.23
CA SER A 182 9.45 -29.29 -4.61
C SER A 182 9.63 -30.42 -5.64
N LYS A 183 10.78 -30.42 -6.31
CA LYS A 183 11.08 -31.48 -7.30
C LYS A 183 11.04 -32.85 -6.57
N GLN A 184 11.55 -32.91 -5.33
CA GLN A 184 11.53 -34.20 -4.61
C GLN A 184 10.12 -34.61 -4.22
N GLN A 185 9.28 -33.68 -3.75
CA GLN A 185 7.89 -34.02 -3.45
C GLN A 185 7.14 -34.55 -4.68
N PHE A 186 7.25 -33.81 -5.80
CA PHE A 186 6.58 -34.28 -7.03
C PHE A 186 7.04 -35.71 -7.45
N LEU A 187 8.33 -35.93 -7.43
CA LEU A 187 8.87 -37.26 -7.83
C LEU A 187 8.45 -38.36 -6.87
N THR A 188 8.40 -38.03 -5.57
CA THR A 188 7.91 -38.96 -4.57
C THR A 188 6.50 -39.45 -4.81
N ILE A 189 5.61 -38.62 -5.35
CA ILE A 189 4.27 -39.11 -5.57
C ILE A 189 4.08 -39.60 -7.04
N ASN A 190 5.16 -39.72 -7.78
CA ASN A 190 5.06 -40.19 -9.20
C ASN A 190 4.29 -39.17 -10.01
N GLY A 191 4.37 -37.90 -9.59
CA GLY A 191 3.70 -36.82 -10.33
C GLY A 191 2.24 -36.92 -10.19
N PHE A 192 1.55 -36.40 -11.21
CA PHE A 192 0.13 -36.27 -11.15
C PHE A 192 -0.48 -37.35 -11.99
N PRO A 193 -1.74 -37.65 -11.74
CA PRO A 193 -2.35 -38.72 -12.54
C PRO A 193 -2.58 -38.26 -13.99
N ASN A 194 -2.56 -39.21 -14.94
CA ASN A 194 -2.74 -38.89 -16.37
C ASN A 194 -4.13 -39.14 -16.89
N ASN A 195 -4.98 -39.78 -16.12
CA ASN A 195 -6.26 -40.20 -16.67
C ASN A 195 -7.50 -39.53 -16.09
N TYR A 196 -7.36 -38.30 -15.60
CA TYR A 196 -8.52 -37.51 -15.25
C TYR A 196 -8.83 -36.57 -16.43
N TRP A 197 -9.84 -36.94 -17.24
CA TRP A 197 -10.11 -36.28 -18.50
C TRP A 197 -11.38 -35.54 -18.19
N GLY A 198 -11.45 -34.24 -18.51
CA GLY A 198 -12.61 -33.45 -18.13
C GLY A 198 -12.47 -32.98 -16.68
N TRP A 199 -13.48 -32.26 -16.23
CA TRP A 199 -13.35 -31.45 -15.04
C TRP A 199 -13.54 -32.32 -13.80
N GLY A 200 -12.70 -32.05 -12.81
CA GLY A 200 -13.03 -32.48 -11.43
C GLY A 200 -12.13 -33.61 -10.93
N GLY A 201 -11.66 -33.51 -9.66
CA GLY A 201 -11.12 -34.70 -9.00
C GLY A 201 -9.62 -34.87 -9.05
N GLU A 202 -8.94 -34.32 -10.06
CA GLU A 202 -7.53 -34.62 -10.21
C GLU A 202 -6.73 -33.97 -9.08
N ASP A 203 -7.22 -32.84 -8.54
CA ASP A 203 -6.54 -32.18 -7.40
C ASP A 203 -6.72 -32.97 -6.10
N ASP A 204 -7.86 -33.64 -5.99
CA ASP A 204 -8.15 -34.51 -4.85
C ASP A 204 -7.28 -35.74 -4.93
N ASP A 205 -7.01 -36.22 -6.17
CA ASP A 205 -6.18 -37.37 -6.31
C ASP A 205 -4.80 -36.98 -5.88
N ILE A 206 -4.39 -35.77 -6.26
CA ILE A 206 -3.02 -35.34 -5.98
C ILE A 206 -2.90 -35.18 -4.43
N PHE A 207 -3.92 -34.59 -3.83
CA PHE A 207 -3.94 -34.56 -2.32
C PHE A 207 -3.76 -35.97 -1.75
N ASN A 208 -4.59 -36.92 -2.21
CA ASN A 208 -4.45 -38.33 -1.81
C ASN A 208 -3.00 -38.81 -1.89
N ARG A 209 -2.36 -38.57 -3.05
CA ARG A 209 -1.01 -39.00 -3.30
C ARG A 209 -0.06 -38.46 -2.23
N LEU A 210 -0.17 -37.19 -1.92
CA LEU A 210 0.79 -36.61 -0.95
C LEU A 210 0.57 -37.27 0.43
N VAL A 211 -0.67 -37.45 0.84
CA VAL A 211 -0.99 -38.06 2.14
C VAL A 211 -0.48 -39.52 2.17
N PHE A 212 -0.63 -40.23 1.03
CA PHE A 212 -0.19 -41.64 0.93
C PHE A 212 1.30 -41.71 0.95
N ARG A 213 2.00 -40.61 0.73
CA ARG A 213 3.46 -40.67 0.83
C ARG A 213 3.94 -39.94 2.05
N GLY A 214 3.08 -39.79 3.06
CA GLY A 214 3.62 -39.30 4.38
C GLY A 214 3.68 -37.78 4.56
N MET A 215 3.07 -37.02 3.63
CA MET A 215 3.26 -35.55 3.66
C MET A 215 2.03 -34.89 4.17
N SER A 216 2.11 -33.60 4.48
CA SER A 216 0.85 -32.92 4.88
C SER A 216 0.84 -31.53 4.19
N ILE A 217 -0.29 -30.83 4.13
CA ILE A 217 -0.35 -29.68 3.24
C ILE A 217 0.06 -28.48 4.12
N SER A 218 1.01 -27.68 3.69
CA SER A 218 1.34 -26.39 4.33
C SER A 218 0.57 -25.24 3.58
N ARG A 219 0.16 -24.21 4.32
CA ARG A 219 -0.67 -23.15 3.72
C ARG A 219 -0.35 -21.79 4.37
N PRO A 220 -0.40 -20.70 3.61
CA PRO A 220 -0.37 -19.40 4.36
C PRO A 220 -1.67 -19.21 5.12
N ASN A 221 -1.80 -18.16 5.95
CA ASN A 221 -3.10 -17.90 6.57
C ASN A 221 -4.15 -17.37 5.59
N ALA A 222 -5.41 -17.33 5.99
CA ALA A 222 -6.49 -16.95 5.10
C ALA A 222 -6.39 -15.50 4.59
N VAL A 223 -5.68 -14.63 5.29
CA VAL A 223 -5.64 -13.26 4.84
C VAL A 223 -4.54 -13.17 3.78
N VAL A 224 -3.36 -13.66 4.09
CA VAL A 224 -2.28 -13.62 3.13
C VAL A 224 -2.68 -14.43 1.87
N GLY A 225 -3.51 -15.46 2.04
CA GLY A 225 -3.86 -16.38 0.92
C GLY A 225 -5.06 -16.00 0.10
N THR A 226 -5.61 -14.79 0.36
CA THR A 226 -6.75 -14.28 -0.40
CA THR A 226 -6.73 -14.33 -0.40
C THR A 226 -6.35 -14.31 -1.90
N THR A 227 -7.26 -14.83 -2.71
CA THR A 227 -7.03 -14.99 -4.12
C THR A 227 -8.27 -14.63 -4.90
N ARG A 228 -8.07 -14.00 -6.06
CA ARG A 228 -9.19 -13.73 -6.94
C ARG A 228 -9.30 -14.70 -8.11
N HIS A 229 -10.52 -15.14 -8.40
CA HIS A 229 -10.78 -15.91 -9.59
C HIS A 229 -11.43 -15.06 -10.68
N ILE A 230 -10.96 -15.14 -11.92
CA ILE A 230 -11.60 -14.37 -12.99
C ILE A 230 -12.90 -15.05 -13.41
N ARG A 231 -14.04 -14.40 -13.18
CA ARG A 231 -15.32 -15.05 -13.49
C ARG A 231 -15.33 -15.33 -14.98
N HIS A 232 -15.89 -16.47 -15.38
CA HIS A 232 -15.93 -16.88 -16.78
C HIS A 232 -17.01 -17.91 -16.89
N SER A 233 -17.51 -18.14 -18.10
CA SER A 233 -18.50 -19.20 -18.28
C SER A 233 -17.80 -20.51 -18.55
N ARG A 234 -18.59 -21.56 -18.69
CA ARG A 234 -18.04 -22.91 -18.72
C ARG A 234 -17.19 -23.12 -19.98
N ASP A 235 -16.09 -23.87 -19.87
CA ASP A 235 -15.34 -24.22 -21.08
C ASP A 235 -16.03 -25.39 -21.76
N LYS A 236 -16.18 -25.32 -23.07
CA LYS A 236 -16.53 -26.52 -23.85
C LYS A 236 -15.37 -27.54 -23.77
N LYS A 237 -15.66 -28.82 -23.83
CA LYS A 237 -14.61 -29.87 -23.88
C LYS A 237 -13.88 -30.03 -22.54
N ASN A 238 -14.52 -29.61 -21.45
CA ASN A 238 -14.03 -29.92 -20.10
C ASN A 238 -15.19 -30.18 -19.16
N GLU A 239 -16.14 -30.99 -19.64
CA GLU A 239 -17.33 -31.38 -18.91
C GLU A 239 -16.96 -32.23 -17.68
N PRO A 240 -17.77 -32.12 -16.61
CA PRO A 240 -17.48 -32.92 -15.41
C PRO A 240 -17.20 -34.39 -15.76
N ASN A 241 -16.13 -34.94 -15.20
CA ASN A 241 -15.79 -36.34 -15.38
C ASN A 241 -16.64 -37.24 -14.48
N PRO A 242 -17.52 -38.07 -15.09
CA PRO A 242 -18.42 -38.91 -14.26
C PRO A 242 -17.70 -40.03 -13.52
N GLN A 243 -16.52 -40.41 -13.96
CA GLN A 243 -15.72 -41.40 -13.24
C GLN A 243 -14.85 -40.83 -12.10
N ARG A 244 -15.01 -39.55 -11.78
CA ARG A 244 -14.01 -38.89 -10.89
C ARG A 244 -14.09 -39.38 -9.43
N PHE A 245 -15.30 -39.71 -8.99
CA PHE A 245 -15.50 -40.17 -7.62
C PHE A 245 -14.88 -41.57 -7.41
N ASP A 246 -15.04 -42.43 -8.43
CA ASP A 246 -14.45 -43.77 -8.44
CA ASP A 246 -14.42 -43.76 -8.41
C ASP A 246 -12.91 -43.62 -8.51
N ARG A 247 -12.44 -42.74 -9.38
CA ARG A 247 -11.01 -42.58 -9.50
C ARG A 247 -10.33 -42.16 -8.18
N ILE A 248 -10.86 -41.16 -7.49
CA ILE A 248 -10.14 -40.63 -6.33
C ILE A 248 -10.17 -41.64 -5.16
N ALA A 249 -11.08 -42.60 -5.24
CA ALA A 249 -11.17 -43.66 -4.22
C ALA A 249 -10.10 -44.75 -4.40
N HIS A 250 -9.37 -44.75 -5.52
CA HIS A 250 -8.37 -45.79 -5.76
C HIS A 250 -6.96 -45.27 -5.92
N THR A 251 -6.73 -44.01 -5.54
CA THR A 251 -5.41 -43.39 -5.82
C THR A 251 -4.24 -44.18 -5.27
N LYS A 252 -4.36 -44.71 -4.05
CA LYS A 252 -3.24 -45.39 -3.46
C LYS A 252 -2.70 -46.49 -4.35
N GLU A 253 -3.59 -47.24 -4.94
CA GLU A 253 -3.16 -48.31 -5.84
C GLU A 253 -2.76 -47.70 -7.23
N THR A 254 -3.61 -46.85 -7.81
CA THR A 254 -3.34 -46.40 -9.19
C THR A 254 -2.10 -45.53 -9.29
N MET A 255 -1.75 -44.81 -8.21
CA MET A 255 -0.58 -43.91 -8.29
C MET A 255 0.72 -44.61 -8.49
N LEU A 256 0.77 -45.89 -8.12
CA LEU A 256 2.03 -46.62 -8.33
C LEU A 256 2.38 -46.71 -9.84
N SER A 257 1.42 -46.75 -10.72
CA SER A 257 1.87 -46.99 -12.10
C SER A 257 1.12 -46.03 -13.06
N ASP A 258 0.44 -45.00 -12.51
CA ASP A 258 -0.12 -43.93 -13.34
C ASP A 258 0.49 -42.56 -12.95
N GLY A 259 1.28 -41.95 -13.83
CA GLY A 259 1.88 -40.67 -13.52
C GLY A 259 3.07 -40.44 -14.39
N LEU A 260 4.08 -39.86 -13.77
CA LEU A 260 5.32 -39.65 -14.45
C LEU A 260 5.86 -40.93 -15.09
N ASN A 261 5.82 -42.05 -14.36
CA ASN A 261 6.29 -43.30 -14.95
C ASN A 261 5.35 -43.95 -16.01
N SER A 262 4.24 -43.32 -16.40
CA SER A 262 3.42 -43.85 -17.51
C SER A 262 3.12 -42.74 -18.55
N LEU A 263 3.89 -41.65 -18.49
CA LEU A 263 3.61 -40.42 -19.24
C LEU A 263 4.26 -40.55 -20.66
N THR A 264 3.47 -40.36 -21.73
CA THR A 264 4.06 -39.90 -23.01
C THR A 264 3.23 -38.72 -23.57
N TYR A 265 3.86 -37.96 -24.47
CA TYR A 265 3.17 -36.86 -25.20
C TYR A 265 4.05 -36.48 -26.38
N GLN A 266 3.54 -35.61 -27.24
CA GLN A 266 4.38 -35.13 -28.34
C GLN A 266 4.30 -33.61 -28.34
N VAL A 267 5.44 -32.93 -28.13
CA VAL A 267 5.44 -31.47 -28.19
C VAL A 267 5.36 -31.09 -29.67
N LEU A 268 4.36 -30.29 -30.02
CA LEU A 268 4.23 -29.77 -31.41
C LEU A 268 4.99 -28.47 -31.64
N ASP A 269 5.13 -27.63 -30.61
CA ASP A 269 5.73 -26.33 -30.83
C ASP A 269 6.12 -25.73 -29.49
N VAL A 270 7.28 -25.07 -29.43
CA VAL A 270 7.72 -24.29 -28.27
C VAL A 270 7.92 -22.84 -28.75
N GLN A 271 7.20 -21.87 -28.17
CA GLN A 271 7.38 -20.44 -28.51
CA GLN A 271 7.37 -20.46 -28.52
C GLN A 271 7.93 -19.72 -27.31
N ARG A 272 9.04 -19.00 -27.49
CA ARG A 272 9.60 -18.17 -26.42
C ARG A 272 9.02 -16.77 -26.59
N TYR A 273 7.94 -16.44 -25.93
CA TYR A 273 7.50 -15.06 -25.98
C TYR A 273 8.21 -14.24 -24.91
N PRO A 274 8.13 -12.89 -25.01
CA PRO A 274 8.92 -12.15 -24.00
C PRO A 274 8.54 -12.50 -22.52
N LEU A 275 7.27 -12.72 -22.26
CA LEU A 275 6.83 -12.91 -20.84
C LEU A 275 6.49 -14.39 -20.48
N TYR A 276 6.64 -15.29 -21.45
CA TYR A 276 6.40 -16.71 -21.19
C TYR A 276 6.87 -17.62 -22.30
N THR A 277 7.11 -18.88 -21.91
CA THR A 277 7.33 -19.95 -22.87
C THR A 277 6.03 -20.66 -23.04
N GLN A 278 5.59 -20.90 -24.28
CA GLN A 278 4.37 -21.66 -24.50
C GLN A 278 4.70 -22.99 -25.21
N ILE A 279 4.33 -24.09 -24.56
CA ILE A 279 4.66 -25.41 -25.06
C ILE A 279 3.36 -25.95 -25.58
N THR A 280 3.27 -26.16 -26.89
CA THR A 280 2.03 -26.64 -27.42
C THR A 280 2.17 -28.16 -27.58
N VAL A 281 1.19 -28.90 -27.08
CA VAL A 281 1.49 -30.32 -26.83
C VAL A 281 0.31 -31.18 -27.16
N ASP A 282 0.56 -32.32 -27.81
CA ASP A 282 -0.52 -33.29 -28.08
C ASP A 282 -0.45 -34.36 -26.96
N ILE A 283 -1.47 -34.37 -26.11
CA ILE A 283 -1.53 -35.33 -24.98
C ILE A 283 -2.59 -36.42 -25.23
N GLY A 284 -3.20 -36.45 -26.42
CA GLY A 284 -3.96 -37.64 -26.77
C GLY A 284 -5.34 -37.53 -26.23
N THR A 285 -6.04 -38.66 -26.23
CA THR A 285 -7.38 -38.85 -25.74
C THR A 285 -7.32 -40.12 -24.88
N PRO A 286 -8.42 -40.44 -24.18
CA PRO A 286 -8.45 -41.55 -23.20
C PRO A 286 -8.01 -42.86 -23.82
N SER A 287 -7.19 -43.62 -23.10
CA SER A 287 -6.85 -44.94 -23.54
C SER A 287 -7.46 -45.97 -22.59
N SER B 15 -26.03 -21.99 -0.63
CA SER B 15 -26.01 -20.49 -0.70
C SER B 15 -25.04 -19.85 0.33
N LEU B 16 -24.91 -18.52 0.27
CA LEU B 16 -23.68 -17.79 0.61
C LEU B 16 -23.16 -17.90 2.07
N PRO B 17 -21.85 -18.12 2.26
CA PRO B 17 -21.28 -18.11 3.63
C PRO B 17 -21.21 -16.67 4.18
N ALA B 18 -21.15 -16.55 5.50
CA ALA B 18 -20.86 -15.29 6.14
C ALA B 18 -19.48 -14.75 5.73
N CYS B 19 -19.36 -13.43 5.60
CA CYS B 19 -18.09 -12.83 5.33
C CYS B 19 -17.20 -13.14 6.52
N PRO B 20 -15.89 -13.05 6.32
CA PRO B 20 -15.02 -13.20 7.46
C PRO B 20 -15.38 -12.10 8.42
N GLU B 21 -15.07 -12.28 9.72
CA GLU B 21 -15.32 -11.28 10.71
C GLU B 21 -14.59 -9.99 10.43
N GLU B 22 -13.32 -10.02 10.10
CA GLU B 22 -12.72 -8.80 9.61
C GLU B 22 -12.46 -9.05 8.14
N SER B 23 -12.62 -8.04 7.29
CA SER B 23 -12.30 -8.19 5.89
C SER B 23 -10.85 -8.53 5.61
N PRO B 24 -10.63 -9.52 4.72
CA PRO B 24 -9.27 -9.80 4.34
C PRO B 24 -8.80 -8.88 3.20
N LEU B 25 -9.65 -7.97 2.71
CA LEU B 25 -9.29 -7.12 1.57
C LEU B 25 -8.60 -5.78 1.91
N LEU B 26 -8.48 -5.45 3.19
CA LEU B 26 -8.08 -4.11 3.62
C LEU B 26 -6.61 -3.78 3.36
N VAL B 27 -6.30 -2.54 3.02
CA VAL B 27 -4.91 -2.15 2.72
C VAL B 27 -4.30 -1.28 3.81
N GLY B 28 -5.09 -0.85 4.80
CA GLY B 28 -4.54 0.03 5.86
C GLY B 28 -4.44 1.47 5.39
N PRO B 29 -3.29 2.15 5.61
CA PRO B 29 -3.22 3.59 5.28
C PRO B 29 -3.24 3.92 3.81
N MET B 30 -3.86 5.03 3.44
CA MET B 30 -4.11 5.33 2.04
C MET B 30 -3.66 6.74 1.82
N LEU B 31 -3.40 7.07 0.57
CA LEU B 31 -3.04 8.41 0.18
C LEU B 31 -4.29 9.23 -0.16
N ILE B 32 -4.47 10.38 0.50
CA ILE B 32 -5.72 11.10 0.37
C ILE B 32 -5.41 12.51 -0.08
N GLU B 33 -5.93 12.96 -1.22
CA GLU B 33 -5.66 14.34 -1.68
CA GLU B 33 -5.69 14.32 -1.68
C GLU B 33 -6.91 15.00 -2.30
N PHE B 34 -6.99 16.32 -2.16
CA PHE B 34 -8.16 17.09 -2.60
C PHE B 34 -7.84 18.19 -3.64
N ASN B 35 -6.80 17.96 -4.45
CA ASN B 35 -6.45 19.02 -5.40
C ASN B 35 -6.70 18.71 -6.88
N MET B 36 -7.35 17.61 -7.20
CA MET B 36 -7.62 17.27 -8.58
C MET B 36 -9.12 17.29 -8.81
N PRO B 37 -9.55 17.46 -10.07
CA PRO B 37 -11.03 17.43 -10.19
C PRO B 37 -11.51 16.00 -10.13
N VAL B 38 -12.81 15.78 -9.91
CA VAL B 38 -13.34 14.44 -9.78
C VAL B 38 -14.53 14.43 -10.68
N ASP B 39 -14.67 13.35 -11.43
CA ASP B 39 -15.74 13.20 -12.37
C ASP B 39 -16.51 11.96 -11.89
N LEU B 40 -17.77 12.14 -11.49
CA LEU B 40 -18.56 11.04 -10.96
C LEU B 40 -18.89 9.93 -11.94
N GLU B 41 -18.96 10.26 -13.24
CA GLU B 41 -19.16 9.19 -14.22
C GLU B 41 -17.96 8.26 -14.25
N LEU B 42 -16.75 8.80 -14.12
CA LEU B 42 -15.53 7.94 -13.98
C LEU B 42 -15.50 7.18 -12.61
N VAL B 43 -15.95 7.85 -11.55
CA VAL B 43 -15.99 7.16 -10.26
C VAL B 43 -16.94 5.99 -10.42
N ALA B 44 -18.07 6.15 -11.11
CA ALA B 44 -18.99 5.01 -11.17
C ALA B 44 -18.31 3.89 -11.99
N LYS B 45 -17.56 4.29 -13.02
CA LYS B 45 -16.93 3.24 -13.85
C LYS B 45 -15.85 2.54 -13.03
N GLN B 46 -15.19 3.26 -12.11
CA GLN B 46 -14.22 2.65 -11.23
C GLN B 46 -14.86 1.77 -10.14
N ASN B 47 -16.18 1.87 -9.98
CA ASN B 47 -16.91 1.12 -8.95
C ASN B 47 -18.10 0.45 -9.58
N PRO B 48 -17.82 -0.44 -10.55
CA PRO B 48 -18.93 -1.05 -11.31
C PRO B 48 -19.93 -1.88 -10.47
N ASN B 49 -19.52 -2.43 -9.30
CA ASN B 49 -20.44 -3.22 -8.49
C ASN B 49 -21.37 -2.41 -7.60
N VAL B 50 -21.17 -1.10 -7.56
CA VAL B 50 -22.15 -0.25 -6.86
C VAL B 50 -23.41 -0.09 -7.72
N LYS B 51 -24.58 -0.41 -7.16
CA LYS B 51 -25.80 -0.30 -7.91
C LYS B 51 -26.53 1.03 -7.73
N MET B 52 -27.62 1.23 -8.48
CA MET B 52 -28.31 2.56 -8.55
C MET B 52 -28.73 2.97 -7.15
N GLY B 53 -28.55 4.24 -6.80
CA GLY B 53 -28.86 4.65 -5.43
C GLY B 53 -27.66 4.56 -4.51
N GLY B 54 -26.51 4.12 -5.02
CA GLY B 54 -25.34 3.94 -4.21
C GLY B 54 -25.41 2.76 -3.25
N ARG B 55 -25.87 1.60 -3.73
CA ARG B 55 -26.14 0.43 -2.90
C ARG B 55 -25.14 -0.65 -3.28
N TYR B 56 -24.60 -1.35 -2.27
CA TYR B 56 -23.62 -2.41 -2.59
C TYR B 56 -23.71 -3.49 -1.53
N ALA B 57 -23.54 -4.76 -1.91
CA ALA B 57 -23.32 -5.80 -0.90
C ALA B 57 -22.42 -6.86 -1.55
N PRO B 58 -21.59 -7.54 -0.77
CA PRO B 58 -20.61 -8.40 -1.48
C PRO B 58 -21.33 -9.56 -2.26
N ARG B 59 -20.73 -9.94 -3.36
CA ARG B 59 -21.25 -11.04 -4.20
C ARG B 59 -20.87 -12.41 -3.62
N ASP B 60 -19.72 -12.49 -2.97
CA ASP B 60 -19.23 -13.80 -2.50
C ASP B 60 -19.54 -14.24 -1.07
N CYS B 61 -20.11 -13.37 -0.23
CA CYS B 61 -20.43 -13.74 1.13
C CYS B 61 -21.45 -12.77 1.73
N VAL B 62 -22.04 -13.13 2.86
CA VAL B 62 -23.11 -12.35 3.50
C VAL B 62 -22.48 -11.47 4.60
N SER B 63 -22.67 -10.15 4.48
CA SER B 63 -22.25 -9.24 5.54
C SER B 63 -23.29 -9.15 6.69
N PRO B 64 -22.83 -9.18 7.96
CA PRO B 64 -23.74 -8.84 9.07
C PRO B 64 -23.95 -7.34 9.23
N HIS B 65 -23.14 -6.54 8.55
CA HIS B 65 -23.31 -5.10 8.69
C HIS B 65 -24.22 -4.53 7.62
N LYS B 66 -25.44 -4.19 7.99
CA LYS B 66 -26.38 -3.56 7.07
C LYS B 66 -26.47 -2.06 7.39
N VAL B 67 -25.67 -1.32 6.61
CA VAL B 67 -25.30 0.03 7.03
C VAL B 67 -25.92 1.10 6.15
N ALA B 68 -26.68 2.05 6.72
CA ALA B 68 -27.03 3.29 5.97
C ALA B 68 -26.05 4.40 6.31
N ILE B 69 -25.35 4.94 5.30
CA ILE B 69 -24.45 6.05 5.55
C ILE B 69 -25.15 7.37 5.19
N ILE B 70 -25.28 8.25 6.17
CA ILE B 70 -26.17 9.41 6.08
C ILE B 70 -25.31 10.66 6.14
N ILE B 71 -25.45 11.55 5.14
CA ILE B 71 -24.58 12.71 5.02
C ILE B 71 -25.46 13.96 5.04
N PRO B 72 -25.32 14.82 6.08
CA PRO B 72 -26.12 16.06 6.05
C PRO B 72 -25.57 16.99 5.01
N PHE B 73 -26.47 17.75 4.35
CA PHE B 73 -25.99 18.40 3.08
C PHE B 73 -26.66 19.63 2.62
N ARG B 74 -25.86 20.63 2.19
CA ARG B 74 -26.43 21.71 1.39
C ARG B 74 -25.30 22.42 0.72
N ASN B 75 -25.34 22.52 -0.62
CA ASN B 75 -24.37 23.36 -1.34
C ASN B 75 -22.93 22.91 -1.11
N ARG B 76 -22.72 21.58 -1.07
CA ARG B 76 -21.34 21.11 -0.93
C ARG B 76 -21.00 20.07 -2.03
N GLN B 77 -21.42 20.33 -3.26
CA GLN B 77 -21.34 19.29 -4.28
C GLN B 77 -19.90 18.86 -4.48
N GLU B 78 -18.95 19.81 -4.44
CA GLU B 78 -17.56 19.48 -4.78
C GLU B 78 -16.96 18.55 -3.71
N HIS B 79 -17.36 18.77 -2.46
CA HIS B 79 -16.90 17.90 -1.36
C HIS B 79 -17.54 16.53 -1.52
N LEU B 80 -18.82 16.48 -1.86
CA LEU B 80 -19.46 15.19 -1.97
C LEU B 80 -18.75 14.37 -3.04
N LYS B 81 -18.25 15.01 -4.10
CA LYS B 81 -17.64 14.21 -5.17
C LYS B 81 -16.35 13.57 -4.61
N TYR B 82 -15.56 14.33 -3.83
CA TYR B 82 -14.41 13.72 -3.17
C TYR B 82 -14.83 12.59 -2.22
N TRP B 83 -15.93 12.83 -1.48
CA TRP B 83 -16.39 11.84 -0.50
C TRP B 83 -16.73 10.49 -1.20
N LEU B 84 -17.47 10.56 -2.29
CA LEU B 84 -17.84 9.36 -3.02
C LEU B 84 -16.63 8.66 -3.66
N TYR B 85 -15.72 9.45 -4.20
CA TYR B 85 -14.49 8.94 -4.78
C TYR B 85 -13.63 8.14 -3.82
N TYR B 86 -13.44 8.67 -2.61
CA TYR B 86 -12.73 7.99 -1.57
C TYR B 86 -13.47 6.86 -0.88
N LEU B 87 -14.71 7.11 -0.42
CA LEU B 87 -15.43 6.15 0.43
C LEU B 87 -15.95 4.92 -0.33
N HIS B 88 -16.45 5.09 -1.56
CA HIS B 88 -16.95 3.88 -2.19
C HIS B 88 -15.94 2.69 -2.21
N PRO B 89 -14.69 2.94 -2.58
CA PRO B 89 -13.78 1.76 -2.62
C PRO B 89 -13.53 1.18 -1.25
N VAL B 90 -13.49 2.05 -0.25
CA VAL B 90 -13.24 1.62 1.14
C VAL B 90 -14.40 0.83 1.64
N LEU B 91 -15.61 1.33 1.46
CA LEU B 91 -16.73 0.61 2.06
C LEU B 91 -16.88 -0.79 1.41
N GLN B 92 -16.54 -0.89 0.11
CA GLN B 92 -16.61 -2.22 -0.52
C GLN B 92 -15.49 -3.13 0.02
N ARG B 93 -14.26 -2.62 0.18
CA ARG B 93 -13.20 -3.39 0.81
C ARG B 93 -13.58 -3.89 2.21
N GLN B 94 -14.40 -3.12 2.92
CA GLN B 94 -14.81 -3.48 4.30
C GLN B 94 -15.94 -4.49 4.24
N GLN B 95 -16.36 -4.89 3.04
CA GLN B 95 -17.37 -5.96 2.91
C GLN B 95 -18.72 -5.67 3.59
N LEU B 96 -19.19 -4.41 3.45
CA LEU B 96 -20.44 -3.96 4.07
C LEU B 96 -21.62 -4.06 3.06
N ASP B 97 -22.82 -4.30 3.56
CA ASP B 97 -24.06 -4.22 2.79
C ASP B 97 -24.55 -2.82 3.15
N TYR B 98 -24.31 -1.87 2.24
CA TYR B 98 -24.49 -0.45 2.57
C TYR B 98 -25.27 0.32 1.50
N GLY B 99 -25.78 1.48 1.90
CA GLY B 99 -26.31 2.48 0.98
C GLY B 99 -25.91 3.87 1.42
N ILE B 100 -25.76 4.76 0.45
CA ILE B 100 -25.44 6.15 0.71
C ILE B 100 -26.66 7.05 0.58
N TYR B 101 -26.89 7.86 1.61
CA TYR B 101 -27.97 8.83 1.60
C TYR B 101 -27.47 10.25 1.88
N VAL B 102 -27.68 11.15 0.92
CA VAL B 102 -27.33 12.55 1.09
C VAL B 102 -28.64 13.26 1.40
N ILE B 103 -28.69 13.91 2.57
CA ILE B 103 -29.94 14.51 3.03
C ILE B 103 -29.73 16.00 2.81
N ASN B 104 -30.30 16.49 1.71
CA ASN B 104 -30.04 17.83 1.23
C ASN B 104 -31.08 18.77 1.83
N GLN B 105 -30.58 19.77 2.56
CA GLN B 105 -31.57 20.70 3.18
C GLN B 105 -32.13 21.68 2.09
N ALA B 106 -33.45 21.69 1.89
CA ALA B 106 -34.05 22.60 0.89
C ALA B 106 -34.03 24.04 1.44
N GLY B 107 -33.93 25.02 0.53
CA GLY B 107 -34.10 26.45 0.86
C GLY B 107 -32.83 27.10 1.35
N ASP B 108 -33.00 28.29 1.91
CA ASP B 108 -31.87 29.16 2.14
C ASP B 108 -31.87 29.71 3.60
N THR B 109 -32.61 29.05 4.47
CA THR B 109 -32.52 29.51 5.89
C THR B 109 -31.47 28.70 6.70
N ILE B 110 -31.35 28.96 8.01
CA ILE B 110 -30.20 28.43 8.72
C ILE B 110 -30.20 26.89 8.73
N PHE B 111 -28.99 26.36 8.56
CA PHE B 111 -28.75 24.90 8.50
C PHE B 111 -29.03 24.19 9.85
N ASN B 112 -29.51 22.96 9.76
CA ASN B 112 -29.73 22.17 10.97
C ASN B 112 -29.15 20.77 10.79
N ARG B 113 -27.86 20.61 11.02
CA ARG B 113 -27.20 19.31 10.85
C ARG B 113 -27.89 18.12 11.46
N ALA B 114 -28.24 18.18 12.75
CA ALA B 114 -28.82 17.03 13.45
C ALA B 114 -30.18 16.63 12.95
N LYS B 115 -31.02 17.60 12.60
CA LYS B 115 -32.35 17.22 12.11
C LYS B 115 -32.24 16.50 10.74
N LEU B 116 -31.29 16.93 9.90
CA LEU B 116 -31.09 16.27 8.59
C LEU B 116 -30.65 14.82 8.88
N LEU B 117 -29.84 14.63 9.93
CA LEU B 117 -29.42 13.25 10.27
C LEU B 117 -30.61 12.36 10.68
N ASN B 118 -31.53 12.89 11.49
CA ASN B 118 -32.78 12.17 11.86
C ASN B 118 -33.63 11.85 10.62
N VAL B 119 -33.75 12.83 9.75
CA VAL B 119 -34.43 12.52 8.48
C VAL B 119 -33.77 11.31 7.77
N GLY B 120 -32.43 11.31 7.66
CA GLY B 120 -31.69 10.21 7.00
C GLY B 120 -32.05 8.90 7.64
N PHE B 121 -32.09 8.87 8.98
CA PHE B 121 -32.42 7.64 9.68
C PHE B 121 -33.83 7.14 9.29
N GLN B 122 -34.82 8.01 9.44
CA GLN B 122 -36.22 7.57 9.21
C GLN B 122 -36.43 7.25 7.70
N GLU B 123 -35.82 8.03 6.82
CA GLU B 123 -36.00 7.79 5.38
C GLU B 123 -35.24 6.56 4.88
N ALA B 124 -34.01 6.30 5.36
CA ALA B 124 -33.27 5.17 4.83
C ALA B 124 -34.00 3.89 5.19
N LEU B 125 -34.63 3.88 6.35
CA LEU B 125 -35.30 2.66 6.77
C LEU B 125 -36.49 2.30 5.86
N LYS B 126 -37.04 3.25 5.10
CA LYS B 126 -38.10 2.90 4.10
C LYS B 126 -37.55 2.09 2.92
N ASP B 127 -36.24 2.09 2.70
CA ASP B 127 -35.68 1.40 1.54
C ASP B 127 -35.36 0.00 1.92
N TYR B 128 -34.85 -0.23 3.15
CA TYR B 128 -34.23 -1.51 3.46
C TYR B 128 -34.12 -1.66 4.95
N ASP B 129 -33.94 -2.89 5.41
CA ASP B 129 -33.94 -3.21 6.84
CA ASP B 129 -33.96 -3.13 6.86
C ASP B 129 -32.53 -2.92 7.39
N TYR B 130 -32.04 -1.68 7.29
CA TYR B 130 -30.72 -1.32 7.83
C TYR B 130 -30.73 -1.50 9.37
N THR B 131 -29.65 -2.02 9.92
CA THR B 131 -29.54 -2.06 11.40
C THR B 131 -28.38 -1.26 11.98
N CYS B 132 -27.68 -0.53 11.13
CA CYS B 132 -26.53 0.25 11.51
C CYS B 132 -26.56 1.56 10.72
N PHE B 133 -26.29 2.67 11.40
CA PHE B 133 -26.30 4.00 10.76
C PHE B 133 -24.97 4.71 10.99
N VAL B 134 -24.30 5.06 9.91
CA VAL B 134 -23.11 5.87 10.04
C VAL B 134 -23.56 7.31 9.66
N PHE B 135 -23.28 8.29 10.51
CA PHE B 135 -23.54 9.70 10.25
C PHE B 135 -22.22 10.37 9.94
N SER B 136 -22.03 10.83 8.70
CA SER B 136 -20.74 11.36 8.26
C SER B 136 -20.94 12.77 7.71
N ASP B 137 -20.13 13.71 8.17
CA ASP B 137 -20.03 14.97 7.49
C ASP B 137 -19.45 14.73 6.09
N VAL B 138 -19.74 15.62 5.17
CA VAL B 138 -19.41 15.34 3.75
C VAL B 138 -17.95 15.64 3.51
N ASP B 139 -17.32 16.31 4.47
CA ASP B 139 -15.94 16.79 4.21
C ASP B 139 -14.89 16.05 5.01
N LEU B 140 -15.26 14.85 5.47
CA LEU B 140 -14.33 14.05 6.24
C LEU B 140 -14.09 12.72 5.53
N ILE B 141 -12.80 12.42 5.35
CA ILE B 141 -12.39 11.22 4.61
C ILE B 141 -11.42 10.40 5.47
N PRO B 142 -11.75 9.12 5.72
CA PRO B 142 -10.82 8.31 6.51
C PRO B 142 -9.51 7.97 5.77
N MET B 143 -8.38 8.01 6.49
CA MET B 143 -7.10 7.73 5.84
C MET B 143 -6.70 6.28 5.96
N ASN B 144 -7.45 5.50 6.72
CA ASN B 144 -7.04 4.12 6.91
C ASN B 144 -8.25 3.23 6.88
N ASP B 145 -8.31 2.29 5.96
CA ASP B 145 -9.52 1.45 5.80
C ASP B 145 -9.70 0.40 6.89
N HIS B 146 -8.79 0.31 7.87
CA HIS B 146 -9.08 -0.46 9.07
C HIS B 146 -10.06 0.25 10.02
N ASN B 147 -10.39 1.47 9.68
CA ASN B 147 -11.31 2.23 10.54
C ASN B 147 -12.74 1.85 10.08
N ALA B 148 -13.39 0.98 10.82
CA ALA B 148 -14.59 0.33 10.31
C ALA B 148 -15.80 1.26 10.27
N TYR B 149 -16.45 1.35 9.09
CA TYR B 149 -17.63 2.19 8.96
C TYR B 149 -18.87 1.34 9.23
N ARG B 150 -18.98 0.87 10.49
CA ARG B 150 -20.14 0.10 10.93
C ARG B 150 -20.26 0.17 12.49
N CYS B 151 -21.20 -0.57 13.03
CA CYS B 151 -21.69 -0.42 14.41
C CYS B 151 -20.97 -1.39 15.31
N PHE B 152 -20.93 -1.04 16.61
CA PHE B 152 -20.22 -1.80 17.67
C PHE B 152 -21.15 -1.98 18.83
N SER B 153 -20.76 -2.75 19.86
CA SER B 153 -21.74 -3.04 20.88
C SER B 153 -22.02 -1.75 21.65
N GLN B 154 -21.13 -0.76 21.53
CA GLN B 154 -21.37 0.61 22.09
C GLN B 154 -21.34 1.59 20.92
N PRO B 155 -21.91 2.79 21.07
CA PRO B 155 -21.89 3.82 20.06
C PRO B 155 -20.44 4.07 19.63
N ARG B 156 -20.20 4.26 18.34
CA ARG B 156 -18.85 4.27 17.81
C ARG B 156 -18.53 5.67 17.30
N HIS B 157 -17.39 6.24 17.73
CA HIS B 157 -16.93 7.50 17.19
C HIS B 157 -15.80 7.22 16.19
N ILE B 158 -15.96 7.66 14.94
CA ILE B 158 -15.07 7.17 13.84
C ILE B 158 -13.97 8.16 13.54
N SER B 159 -14.25 9.47 13.44
CA SER B 159 -13.26 10.42 12.95
C SER B 159 -12.47 10.89 14.21
N VAL B 160 -11.67 9.98 14.76
CA VAL B 160 -11.10 10.22 16.07
C VAL B 160 -9.80 11.03 15.96
N ALA B 161 -9.14 11.03 14.80
CA ALA B 161 -7.88 11.76 14.70
C ALA B 161 -7.87 12.58 13.43
N MET B 162 -8.63 13.65 13.42
CA MET B 162 -8.66 14.59 12.30
C MET B 162 -7.44 15.49 12.19
N ASP B 163 -6.95 15.60 10.98
CA ASP B 163 -5.86 16.53 10.71
C ASP B 163 -6.15 17.93 11.28
N LYS B 164 -7.37 18.41 11.17
CA LYS B 164 -7.62 19.80 11.61
C LYS B 164 -7.65 19.93 13.13
N PHE B 165 -7.62 18.79 13.84
CA PHE B 165 -7.39 18.82 15.27
C PHE B 165 -6.05 18.26 15.71
N GLY B 166 -5.06 18.35 14.84
CA GLY B 166 -3.73 17.88 15.20
C GLY B 166 -3.64 16.37 15.23
N PHE B 167 -4.50 15.66 14.47
CA PHE B 167 -4.49 14.18 14.51
C PHE B 167 -4.78 13.61 15.91
N SER B 168 -5.59 14.31 16.71
CA SER B 168 -6.18 13.75 17.94
C SER B 168 -7.58 14.27 18.18
N LEU B 169 -8.19 13.91 19.30
CA LEU B 169 -9.46 14.48 19.62
C LEU B 169 -9.30 15.95 20.06
N PRO B 170 -10.22 16.83 19.63
CA PRO B 170 -10.14 18.14 20.26
C PRO B 170 -10.46 18.14 21.76
N TYR B 171 -11.30 17.21 22.25
CA TYR B 171 -11.56 17.09 23.70
C TYR B 171 -12.09 15.67 23.82
N VAL B 172 -12.01 15.04 24.99
CA VAL B 172 -12.25 13.60 25.04
C VAL B 172 -13.72 13.24 24.88
N GLN B 173 -14.61 14.21 25.04
CA GLN B 173 -16.05 13.89 24.88
C GLN B 173 -16.55 14.29 23.49
N TYR B 174 -15.62 14.63 22.62
CA TYR B 174 -15.96 15.03 21.23
C TYR B 174 -16.60 13.88 20.47
N PHE B 175 -17.80 14.09 19.92
CA PHE B 175 -18.44 13.02 19.21
C PHE B 175 -18.88 13.50 17.81
N GLY B 176 -18.23 14.52 17.30
CA GLY B 176 -18.69 15.05 16.00
C GLY B 176 -17.96 14.40 14.81
N GLY B 177 -18.32 14.82 13.59
CA GLY B 177 -17.52 14.41 12.39
C GLY B 177 -18.15 13.17 11.82
N VAL B 178 -17.69 11.98 12.24
CA VAL B 178 -18.18 10.72 11.74
C VAL B 178 -18.44 9.79 12.91
N SER B 179 -19.64 9.24 12.97
CA SER B 179 -19.93 8.31 14.06
C SER B 179 -20.90 7.24 13.55
N ALA B 180 -20.98 6.13 14.27
CA ALA B 180 -21.96 5.12 13.95
C ALA B 180 -22.79 4.64 15.13
N LEU B 181 -24.09 4.51 14.95
CA LEU B 181 -24.93 3.95 16.01
C LEU B 181 -25.76 2.81 15.40
N SER B 182 -25.94 1.68 16.11
CA SER B 182 -26.89 0.67 15.73
C SER B 182 -28.29 1.26 15.79
N LYS B 183 -29.22 0.59 15.12
CA LYS B 183 -30.60 1.00 15.15
C LYS B 183 -31.06 1.07 16.61
N GLN B 184 -30.72 0.06 17.42
CA GLN B 184 -31.14 0.09 18.85
C GLN B 184 -30.55 1.29 19.63
N GLN B 185 -29.25 1.55 19.44
CA GLN B 185 -28.62 2.69 20.11
C GLN B 185 -29.31 4.01 19.80
N PHE B 186 -29.67 4.19 18.53
CA PHE B 186 -30.29 5.44 18.10
C PHE B 186 -31.70 5.51 18.68
N LEU B 187 -32.46 4.42 18.60
CA LEU B 187 -33.79 4.49 19.16
C LEU B 187 -33.80 4.74 20.70
N THR B 188 -32.83 4.16 21.39
CA THR B 188 -32.75 4.30 22.85
C THR B 188 -32.60 5.74 23.32
N ILE B 189 -31.87 6.56 22.57
CA ILE B 189 -31.74 7.98 22.87
C ILE B 189 -32.78 8.89 22.21
N ASN B 190 -33.84 8.33 21.65
CA ASN B 190 -34.84 9.15 20.93
C ASN B 190 -34.20 9.92 19.77
N GLY B 191 -33.23 9.30 19.10
CA GLY B 191 -32.51 9.93 17.97
C GLY B 191 -31.88 11.24 18.42
N PHE B 192 -31.80 12.20 17.50
CA PHE B 192 -30.94 13.36 17.73
C PHE B 192 -31.85 14.57 17.99
N PRO B 193 -31.32 15.61 18.63
CA PRO B 193 -32.17 16.76 18.89
C PRO B 193 -32.55 17.43 17.51
N ASN B 194 -33.71 18.05 17.44
CA ASN B 194 -34.18 18.82 16.27
C ASN B 194 -34.04 20.31 16.35
N ASN B 195 -33.63 20.85 17.51
CA ASN B 195 -33.67 22.31 17.64
C ASN B 195 -32.33 22.93 17.83
N TYR B 196 -31.30 22.27 17.32
CA TYR B 196 -30.00 22.95 17.19
C TYR B 196 -29.84 23.63 15.81
N TRP B 197 -30.03 24.95 15.71
CA TRP B 197 -30.00 25.65 14.40
C TRP B 197 -28.70 26.39 14.30
N GLY B 198 -28.03 26.28 13.16
CA GLY B 198 -26.69 26.85 13.02
C GLY B 198 -25.62 25.97 13.72
N TRP B 199 -24.39 26.45 13.75
CA TRP B 199 -23.23 25.60 13.97
C TRP B 199 -23.07 25.41 15.51
N GLY B 200 -22.74 24.20 15.94
CA GLY B 200 -22.25 24.00 17.34
C GLY B 200 -23.20 23.31 18.28
N GLY B 201 -22.64 22.31 18.98
CA GLY B 201 -23.28 21.65 20.12
C GLY B 201 -24.18 20.45 19.89
N GLU B 202 -24.67 20.24 18.66
CA GLU B 202 -25.68 19.20 18.50
C GLU B 202 -24.97 17.85 18.74
N ASP B 203 -23.69 17.80 18.37
CA ASP B 203 -22.93 16.56 18.54
C ASP B 203 -22.65 16.32 20.06
N ASP B 204 -22.45 17.40 20.81
CA ASP B 204 -22.26 17.26 22.25
C ASP B 204 -23.57 16.81 22.90
N ASP B 205 -24.69 17.34 22.41
CA ASP B 205 -26.01 16.88 22.85
C ASP B 205 -26.17 15.39 22.65
N ILE B 206 -25.78 14.89 21.49
CA ILE B 206 -25.95 13.46 21.23
C ILE B 206 -25.01 12.66 22.17
N PHE B 207 -23.80 13.12 22.38
CA PHE B 207 -22.92 12.44 23.35
C PHE B 207 -23.61 12.39 24.72
N ASN B 208 -24.17 13.53 25.14
CA ASN B 208 -24.92 13.57 26.41
C ASN B 208 -26.04 12.57 26.45
N ARG B 209 -26.86 12.50 25.40
CA ARG B 209 -27.91 11.52 25.36
C ARG B 209 -27.39 10.09 25.51
N LEU B 210 -26.29 9.74 24.83
CA LEU B 210 -25.76 8.36 24.92
C LEU B 210 -25.32 8.03 26.38
N VAL B 211 -24.62 8.94 27.00
CA VAL B 211 -24.19 8.70 28.38
C VAL B 211 -25.36 8.66 29.35
N PHE B 212 -26.36 9.53 29.18
CA PHE B 212 -27.58 9.45 29.98
C PHE B 212 -28.32 8.16 29.88
N ARG B 213 -28.19 7.50 28.77
CA ARG B 213 -28.81 6.22 28.62
C ARG B 213 -27.81 5.09 28.90
N GLY B 214 -26.68 5.35 29.55
CA GLY B 214 -25.88 4.25 30.10
C GLY B 214 -24.83 3.70 29.14
N MET B 215 -24.59 4.41 28.04
CA MET B 215 -23.60 3.95 27.04
C MET B 215 -22.27 4.63 27.17
N SER B 216 -21.26 4.03 26.56
CA SER B 216 -19.95 4.64 26.57
C SER B 216 -19.48 4.77 25.12
N ILE B 217 -18.45 5.54 24.81
CA ILE B 217 -18.08 5.74 23.38
C ILE B 217 -16.96 4.76 23.02
N SER B 218 -17.17 3.96 21.97
CA SER B 218 -16.07 3.11 21.40
C SER B 218 -15.29 3.84 20.30
N ARG B 219 -13.96 3.66 20.25
CA ARG B 219 -13.14 4.30 19.22
C ARG B 219 -12.03 3.40 18.70
N PRO B 220 -11.65 3.46 17.41
CA PRO B 220 -10.41 2.85 16.92
C PRO B 220 -9.28 3.66 17.56
N ASN B 221 -8.03 3.17 17.50
CA ASN B 221 -6.87 3.94 17.97
C ASN B 221 -6.62 5.09 17.06
N ALA B 222 -5.72 6.01 17.47
CA ALA B 222 -5.57 7.27 16.77
C ALA B 222 -4.85 7.09 15.44
N VAL B 223 -4.12 5.99 15.26
CA VAL B 223 -3.45 5.83 13.96
C VAL B 223 -4.49 5.30 12.95
N VAL B 224 -5.24 4.29 13.37
CA VAL B 224 -6.29 3.76 12.50
C VAL B 224 -7.37 4.86 12.26
N GLY B 225 -7.63 5.71 13.26
CA GLY B 225 -8.67 6.76 13.07
C GLY B 225 -8.26 8.06 12.42
N THR B 226 -7.08 8.11 11.84
CA THR B 226 -6.63 9.35 11.19
CA THR B 226 -6.63 9.33 11.19
C THR B 226 -7.60 9.73 10.07
N THR B 227 -8.03 11.00 10.05
CA THR B 227 -9.03 11.43 9.10
C THR B 227 -8.65 12.78 8.47
N ARG B 228 -8.87 12.99 7.17
CA ARG B 228 -8.61 14.28 6.52
C ARG B 228 -9.92 15.04 6.40
N HIS B 229 -9.84 16.35 6.67
CA HIS B 229 -10.91 17.27 6.45
C HIS B 229 -10.64 18.06 5.21
N ILE B 230 -11.63 18.19 4.35
CA ILE B 230 -11.41 19.04 3.17
C ILE B 230 -11.47 20.52 3.56
N ARG B 231 -10.34 21.25 3.45
CA ARG B 231 -10.35 22.66 3.88
C ARG B 231 -11.38 23.40 2.99
N HIS B 232 -12.14 24.30 3.60
CA HIS B 232 -13.06 25.09 2.82
C HIS B 232 -13.27 26.41 3.57
N SER B 233 -13.79 27.41 2.87
CA SER B 233 -14.14 28.66 3.57
C SER B 233 -15.51 28.51 4.22
N ARG B 234 -15.89 29.48 5.02
CA ARG B 234 -17.06 29.33 5.88
C ARG B 234 -18.31 29.20 5.01
N ASP B 235 -19.28 28.43 5.47
CA ASP B 235 -20.55 28.31 4.79
C ASP B 235 -21.31 29.58 5.12
N LYS B 236 -22.30 29.95 4.33
CA LYS B 236 -23.28 30.95 4.77
C LYS B 236 -24.41 30.18 5.48
N LYS B 237 -25.20 30.83 6.33
CA LYS B 237 -26.37 30.22 6.94
C LYS B 237 -26.10 29.02 7.85
N ASN B 238 -24.89 28.97 8.41
CA ASN B 238 -24.67 28.05 9.51
C ASN B 238 -23.89 28.77 10.63
N GLU B 239 -24.30 30.00 10.99
CA GLU B 239 -23.43 30.80 11.86
C GLU B 239 -23.53 30.14 13.25
N PRO B 240 -22.48 30.26 14.05
CA PRO B 240 -22.47 29.69 15.40
C PRO B 240 -23.74 30.04 16.15
N ASN B 241 -24.32 29.05 16.77
CA ASN B 241 -25.56 29.15 17.51
C ASN B 241 -25.30 29.72 18.92
N PRO B 242 -25.79 30.94 19.18
CA PRO B 242 -25.48 31.51 20.51
C PRO B 242 -26.21 30.77 21.61
N GLN B 243 -27.27 30.03 21.31
CA GLN B 243 -27.96 29.28 22.35
C GLN B 243 -27.32 27.93 22.67
N ARG B 244 -26.21 27.58 22.01
CA ARG B 244 -25.83 26.14 22.02
C ARG B 244 -25.40 25.70 23.43
N PHE B 245 -24.72 26.60 24.17
CA PHE B 245 -24.28 26.26 25.54
C PHE B 245 -25.42 25.99 26.46
N ASP B 246 -26.49 26.77 26.35
CA ASP B 246 -27.68 26.52 27.16
CA ASP B 246 -27.67 26.52 27.16
C ASP B 246 -28.35 25.23 26.74
N ARG B 247 -28.41 25.01 25.42
CA ARG B 247 -29.03 23.77 24.99
C ARG B 247 -28.25 22.52 25.47
N ILE B 248 -26.94 22.49 25.37
CA ILE B 248 -26.30 21.15 25.72
C ILE B 248 -26.34 20.92 27.28
N ALA B 249 -26.44 22.01 28.04
CA ALA B 249 -26.55 21.91 29.53
C ALA B 249 -27.95 21.38 29.87
N HIS B 250 -28.90 21.28 28.92
CA HIS B 250 -30.25 20.76 29.24
C HIS B 250 -30.66 19.49 28.52
N THR B 251 -29.71 18.77 27.93
CA THR B 251 -30.08 17.54 27.23
C THR B 251 -30.92 16.50 27.97
N LYS B 252 -30.57 16.20 29.23
CA LYS B 252 -31.31 15.19 29.95
C LYS B 252 -32.79 15.56 29.98
N GLU B 253 -33.07 16.83 30.17
CA GLU B 253 -34.45 17.31 30.30
C GLU B 253 -35.14 17.37 28.94
N THR B 254 -34.42 17.61 27.84
CA THR B 254 -35.15 17.82 26.57
C THR B 254 -35.17 16.54 25.72
N MET B 255 -34.32 15.55 26.02
CA MET B 255 -34.15 14.44 25.06
C MET B 255 -35.36 13.55 25.00
N LEU B 256 -36.15 13.51 26.06
CA LEU B 256 -37.30 12.58 26.02
C LEU B 256 -38.44 13.05 25.11
N SER B 257 -38.54 14.35 24.90
CA SER B 257 -39.67 14.88 24.10
C SER B 257 -39.19 15.59 22.86
N ASP B 258 -37.87 15.64 22.63
CA ASP B 258 -37.33 16.27 21.44
C ASP B 258 -36.36 15.32 20.69
N GLY B 259 -36.72 14.86 19.47
CA GLY B 259 -35.89 13.95 18.70
C GLY B 259 -36.78 13.16 17.75
N LEU B 260 -36.51 11.86 17.62
CA LEU B 260 -37.27 11.00 16.72
C LEU B 260 -38.79 11.14 16.94
N ASN B 261 -39.21 11.23 18.21
CA ASN B 261 -40.65 11.26 18.47
C ASN B 261 -41.29 12.60 18.18
N SER B 262 -40.51 13.66 17.97
CA SER B 262 -41.10 14.96 17.63
C SER B 262 -40.67 15.44 16.24
N LEU B 263 -40.07 14.54 15.47
CA LEU B 263 -39.50 14.92 14.16
C LEU B 263 -40.61 15.25 13.11
N THR B 264 -40.52 16.40 12.46
CA THR B 264 -41.44 16.65 11.36
C THR B 264 -40.67 17.30 10.25
N TYR B 265 -41.05 16.96 9.02
CA TYR B 265 -40.38 17.55 7.86
C TYR B 265 -41.22 17.24 6.63
N GLN B 266 -40.85 17.84 5.49
CA GLN B 266 -41.53 17.56 4.23
C GLN B 266 -40.50 17.21 3.16
N VAL B 267 -40.52 15.98 2.68
CA VAL B 267 -39.64 15.57 1.58
C VAL B 267 -40.12 16.26 0.29
N LEU B 268 -39.26 17.02 -0.37
CA LEU B 268 -39.60 17.61 -1.68
C LEU B 268 -39.19 16.72 -2.86
N ASP B 269 -38.21 15.85 -2.69
CA ASP B 269 -37.79 14.99 -3.84
C ASP B 269 -36.88 13.89 -3.34
N VAL B 270 -36.85 12.77 -4.04
CA VAL B 270 -35.95 11.68 -3.78
C VAL B 270 -35.33 11.37 -5.15
N GLN B 271 -34.01 11.42 -5.30
CA GLN B 271 -33.39 11.15 -6.59
C GLN B 271 -32.34 10.07 -6.39
N ARG B 272 -32.39 9.04 -7.23
CA ARG B 272 -31.40 7.95 -7.15
C ARG B 272 -30.33 8.24 -8.16
N TYR B 273 -29.11 8.45 -7.73
CA TYR B 273 -28.00 8.59 -8.66
C TYR B 273 -27.18 7.32 -8.65
N PRO B 274 -26.30 7.09 -9.65
CA PRO B 274 -25.58 5.83 -9.56
C PRO B 274 -24.90 5.58 -8.18
N LEU B 275 -24.35 6.63 -7.59
CA LEU B 275 -23.48 6.49 -6.42
C LEU B 275 -24.15 6.93 -5.10
N TYR B 276 -25.39 7.39 -5.16
CA TYR B 276 -26.06 7.86 -3.95
C TYR B 276 -27.49 8.13 -4.14
N THR B 277 -28.25 8.07 -3.04
CA THR B 277 -29.61 8.52 -3.03
C THR B 277 -29.62 9.94 -2.43
N GLN B 278 -30.29 10.89 -3.10
CA GLN B 278 -30.36 12.26 -2.53
C GLN B 278 -31.78 12.55 -2.14
N ILE B 279 -31.99 12.87 -0.85
CA ILE B 279 -33.35 13.19 -0.35
C ILE B 279 -33.33 14.69 0.00
N THR B 280 -34.10 15.51 -0.72
CA THR B 280 -34.14 16.95 -0.47
C THR B 280 -35.34 17.22 0.39
N VAL B 281 -35.13 17.97 1.47
CA VAL B 281 -36.16 17.97 2.49
C VAL B 281 -36.34 19.38 3.06
N ASP B 282 -37.58 19.74 3.28
CA ASP B 282 -37.85 21.00 3.97
C ASP B 282 -37.94 20.70 5.49
N ILE B 283 -36.94 21.17 6.25
CA ILE B 283 -36.92 20.83 7.68
C ILE B 283 -37.38 22.01 8.55
N GLY B 284 -37.87 23.07 7.92
CA GLY B 284 -38.39 24.23 8.66
C GLY B 284 -37.35 25.20 9.19
N THR B 285 -37.79 26.04 10.13
CA THR B 285 -36.97 27.17 10.54
C THR B 285 -37.14 27.26 12.09
N PRO B 286 -36.21 27.92 12.76
CA PRO B 286 -36.30 28.16 14.23
C PRO B 286 -37.61 28.88 14.53
N SER B 287 -38.25 28.66 15.70
CA SER B 287 -39.19 29.70 16.25
C SER B 287 -38.57 31.10 16.24
N SER C 15 -2.46 28.48 18.67
CA SER C 15 -1.36 27.96 17.81
C SER C 15 -1.29 26.39 17.86
N LEU C 16 -0.56 25.83 16.90
CA LEU C 16 -0.70 24.42 16.55
C LEU C 16 -0.15 23.51 17.64
N PRO C 17 -0.76 22.33 17.83
CA PRO C 17 -0.22 21.23 18.67
C PRO C 17 1.01 20.54 18.09
N ALA C 18 1.76 19.84 18.93
CA ALA C 18 2.96 19.14 18.51
C ALA C 18 2.41 18.03 17.58
N CYS C 19 3.14 17.65 16.53
CA CYS C 19 2.71 16.49 15.72
C CYS C 19 2.82 15.25 16.61
N PRO C 20 2.09 14.16 16.25
CA PRO C 20 2.35 12.91 16.96
C PRO C 20 3.83 12.47 16.92
N GLU C 21 4.28 11.79 17.97
CA GLU C 21 5.70 11.41 18.05
C GLU C 21 6.08 10.55 16.85
N GLU C 22 5.22 9.63 16.43
CA GLU C 22 5.48 8.95 15.15
C GLU C 22 4.37 9.36 14.18
N SER C 23 4.65 9.63 12.93
CA SER C 23 3.61 10.08 12.03
C SER C 23 2.50 9.01 11.87
N PRO C 24 1.20 9.39 11.83
CA PRO C 24 0.17 8.39 11.62
C PRO C 24 -0.12 8.16 10.12
N LEU C 25 0.67 8.80 9.25
CA LEU C 25 0.39 8.85 7.81
C LEU C 25 1.22 7.81 7.04
N LEU C 26 2.14 7.12 7.71
CA LEU C 26 3.14 6.29 7.05
C LEU C 26 2.45 5.08 6.37
N VAL C 27 2.93 4.72 5.18
CA VAL C 27 2.38 3.53 4.49
C VAL C 27 3.31 2.32 4.52
N GLY C 28 4.55 2.50 4.94
CA GLY C 28 5.47 1.39 5.04
C GLY C 28 6.13 1.11 3.67
N PRO C 29 6.19 -0.16 3.27
CA PRO C 29 6.99 -0.51 2.05
C PRO C 29 6.36 0.03 0.82
N MET C 30 7.15 0.46 -0.17
CA MET C 30 6.61 1.10 -1.34
C MET C 30 7.22 0.56 -2.63
N LEU C 31 6.55 0.78 -3.76
CA LEU C 31 7.06 0.36 -5.08
C LEU C 31 7.99 1.44 -5.68
N ILE C 32 9.22 1.04 -5.98
CA ILE C 32 10.24 1.99 -6.47
C ILE C 32 10.74 1.58 -7.85
N GLU C 33 10.61 2.42 -8.86
CA GLU C 33 11.19 2.07 -10.17
C GLU C 33 11.87 3.23 -10.88
N PHE C 34 12.89 2.93 -11.68
CA PHE C 34 13.61 3.94 -12.44
C PHE C 34 13.58 3.80 -13.98
N ASN C 35 12.44 3.54 -14.60
CA ASN C 35 12.49 3.43 -16.07
C ASN C 35 11.44 4.25 -16.79
N MET C 36 10.99 5.34 -16.17
CA MET C 36 10.01 6.22 -16.81
C MET C 36 10.62 7.61 -16.80
N PRO C 37 10.12 8.50 -17.67
CA PRO C 37 10.68 9.84 -17.55
C PRO C 37 9.95 10.55 -16.40
N VAL C 38 10.66 11.43 -15.70
CA VAL C 38 10.06 12.27 -14.66
C VAL C 38 9.96 13.68 -15.19
N ASP C 39 8.78 14.27 -15.08
CA ASP C 39 8.58 15.67 -15.37
C ASP C 39 8.36 16.52 -14.09
N LEU C 40 9.42 17.24 -13.70
CA LEU C 40 9.42 17.99 -12.46
C LEU C 40 8.31 19.02 -12.34
N GLU C 41 7.74 19.49 -13.45
CA GLU C 41 6.58 20.36 -13.36
C GLU C 41 5.35 19.59 -12.84
N LEU C 42 5.31 18.32 -13.21
CA LEU C 42 4.25 17.41 -12.80
C LEU C 42 4.52 17.01 -11.34
N VAL C 43 5.77 16.74 -10.97
CA VAL C 43 6.10 16.42 -9.57
C VAL C 43 5.62 17.53 -8.63
N ALA C 44 5.76 18.78 -9.09
CA ALA C 44 5.37 19.92 -8.30
C ALA C 44 3.85 20.00 -8.17
N LYS C 45 3.15 19.77 -9.29
CA LYS C 45 1.68 19.70 -9.24
C LYS C 45 1.19 18.54 -8.36
N GLN C 46 1.91 17.42 -8.33
CA GLN C 46 1.64 16.34 -7.37
C GLN C 46 1.98 16.64 -5.89
N ASN C 47 2.93 17.55 -5.67
CA ASN C 47 3.28 17.97 -4.31
C ASN C 47 2.99 19.44 -4.07
N PRO C 48 1.72 19.86 -4.09
CA PRO C 48 1.49 21.30 -4.09
C PRO C 48 1.81 21.98 -2.77
N ASN C 49 2.01 21.22 -1.69
CA ASN C 49 2.33 21.91 -0.45
C ASN C 49 3.82 22.23 -0.30
N VAL C 50 4.67 21.67 -1.16
CA VAL C 50 6.09 21.98 -1.19
C VAL C 50 6.23 23.39 -1.79
N LYS C 51 6.74 24.28 -0.95
CA LYS C 51 6.96 25.70 -1.32
C LYS C 51 8.32 25.96 -1.99
N MET C 52 8.44 27.14 -2.62
CA MET C 52 9.61 27.48 -3.43
C MET C 52 10.89 27.20 -2.67
N GLY C 53 11.83 26.58 -3.37
CA GLY C 53 13.12 26.18 -2.81
C GLY C 53 13.03 24.83 -2.13
N GLY C 54 11.92 24.10 -2.33
CA GLY C 54 11.80 22.74 -1.77
C GLY C 54 11.61 22.72 -0.25
N ARG C 55 10.72 23.56 0.26
CA ARG C 55 10.52 23.67 1.72
C ARG C 55 9.10 23.22 2.07
N TYR C 56 8.94 22.54 3.20
CA TYR C 56 7.63 22.05 3.60
C TYR C 56 7.60 21.95 5.09
N ALA C 57 6.47 22.30 5.69
CA ALA C 57 6.24 21.90 7.06
C ALA C 57 4.75 21.58 7.19
N PRO C 58 4.37 20.72 8.13
CA PRO C 58 2.94 20.42 8.24
C PRO C 58 2.07 21.64 8.53
N ARG C 59 0.94 21.69 7.87
CA ARG C 59 -0.05 22.71 8.20
C ARG C 59 -0.71 22.52 9.56
N ASP C 60 -0.90 21.26 9.98
CA ASP C 60 -1.79 21.01 11.10
C ASP C 60 -1.10 20.81 12.46
N CYS C 61 0.23 20.71 12.47
CA CYS C 61 0.89 20.45 13.73
C CYS C 61 2.33 20.87 13.59
N VAL C 62 2.99 21.04 14.75
CA VAL C 62 4.37 21.48 14.73
C VAL C 62 5.25 20.26 14.80
N SER C 63 6.13 20.09 13.82
CA SER C 63 7.14 19.01 13.89
C SER C 63 8.34 19.43 14.78
N PRO C 64 8.85 18.52 15.64
CA PRO C 64 10.17 18.76 16.30
C PRO C 64 11.36 18.59 15.37
N HIS C 65 11.13 18.06 14.18
CA HIS C 65 12.25 17.70 13.35
C HIS C 65 12.38 18.80 12.34
N LYS C 66 13.44 19.60 12.47
CA LYS C 66 13.67 20.69 11.54
C LYS C 66 14.90 20.25 10.76
N VAL C 67 14.70 19.80 9.52
CA VAL C 67 15.69 18.95 8.85
C VAL C 67 16.13 19.57 7.56
N ALA C 68 17.44 19.75 7.43
CA ALA C 68 17.98 20.19 6.15
C ALA C 68 18.46 18.92 5.48
N ILE C 69 17.97 18.66 4.27
CA ILE C 69 18.45 17.49 3.50
C ILE C 69 19.39 17.98 2.43
N ILE C 70 20.60 17.43 2.51
CA ILE C 70 21.75 17.92 1.77
C ILE C 70 22.33 16.85 0.86
N ILE C 71 22.35 17.17 -0.42
CA ILE C 71 22.68 16.22 -1.47
C ILE C 71 23.93 16.79 -2.18
N PRO C 72 25.05 16.08 -2.09
CA PRO C 72 26.26 16.53 -2.82
C PRO C 72 26.00 16.19 -4.27
N PHE C 73 26.37 17.07 -5.19
CA PHE C 73 25.87 16.93 -6.55
C PHE C 73 26.86 17.49 -7.60
N ARG C 74 26.98 16.81 -8.76
CA ARG C 74 27.42 17.42 -10.01
C ARG C 74 27.02 16.55 -11.18
N ASN C 75 26.34 17.12 -12.15
CA ASN C 75 26.01 16.40 -13.37
C ASN C 75 25.23 15.08 -13.16
N ARG C 76 24.22 15.08 -12.30
CA ARG C 76 23.37 13.89 -12.10
C ARG C 76 21.91 14.29 -12.11
N GLN C 77 21.49 15.04 -13.11
CA GLN C 77 20.19 15.68 -13.10
C GLN C 77 19.06 14.63 -13.19
N GLU C 78 19.31 13.55 -13.91
CA GLU C 78 18.28 12.55 -14.15
C GLU C 78 18.08 11.78 -12.83
N HIS C 79 19.15 11.48 -12.10
CA HIS C 79 19.03 10.92 -10.75
C HIS C 79 18.24 11.84 -9.84
N LEU C 80 18.50 13.13 -9.93
CA LEU C 80 17.90 14.07 -9.00
C LEU C 80 16.38 14.11 -9.24
N LYS C 81 15.96 13.93 -10.48
CA LYS C 81 14.56 13.98 -10.79
C LYS C 81 13.83 12.78 -10.15
N TYR C 82 14.47 11.61 -10.13
CA TYR C 82 13.93 10.45 -9.39
C TYR C 82 13.94 10.70 -7.87
N TRP C 83 15.05 11.24 -7.37
CA TRP C 83 15.18 11.51 -5.97
C TRP C 83 14.03 12.37 -5.50
N LEU C 84 13.73 13.45 -6.21
CA LEU C 84 12.71 14.39 -5.80
C LEU C 84 11.31 13.76 -5.92
N TYR C 85 11.12 12.95 -6.96
CA TYR C 85 9.84 12.33 -7.26
C TYR C 85 9.47 11.39 -6.12
N TYR C 86 10.45 10.63 -5.62
CA TYR C 86 10.24 9.66 -4.56
C TYR C 86 10.26 10.29 -3.17
N LEU C 87 11.24 11.14 -2.91
CA LEU C 87 11.43 11.66 -1.53
C LEU C 87 10.41 12.66 -1.10
N HIS C 88 9.96 13.55 -1.96
CA HIS C 88 9.05 14.54 -1.47
C HIS C 88 7.80 13.95 -0.79
N PRO C 89 7.12 12.95 -1.44
CA PRO C 89 5.92 12.39 -0.77
C PRO C 89 6.24 11.75 0.55
N VAL C 90 7.40 11.11 0.63
CA VAL C 90 7.85 10.40 1.80
C VAL C 90 8.16 11.36 2.96
N LEU C 91 8.85 12.47 2.66
CA LEU C 91 9.22 13.40 3.73
C LEU C 91 7.99 14.13 4.27
N GLN C 92 7.02 14.41 3.40
CA GLN C 92 5.77 14.99 3.87
C GLN C 92 5.00 14.05 4.78
N ARG C 93 4.93 12.77 4.42
CA ARG C 93 4.24 11.75 5.25
C ARG C 93 4.95 11.62 6.58
N GLN C 94 6.28 11.85 6.62
CA GLN C 94 7.02 11.84 7.87
C GLN C 94 6.81 13.09 8.74
N GLN C 95 5.99 14.02 8.25
CA GLN C 95 5.60 15.24 9.01
C GLN C 95 6.83 16.02 9.46
N LEU C 96 7.81 16.17 8.58
CA LEU C 96 9.03 16.89 8.87
C LEU C 96 8.87 18.33 8.44
N ASP C 97 9.60 19.20 9.14
CA ASP C 97 9.75 20.58 8.73
C ASP C 97 11.13 20.63 8.03
N TYR C 98 11.12 20.62 6.69
CA TYR C 98 12.32 20.24 5.96
C TYR C 98 12.60 21.15 4.76
N GLY C 99 13.85 21.11 4.29
CA GLY C 99 14.25 21.84 3.11
C GLY C 99 15.25 21.00 2.36
N ILE C 100 15.18 21.05 1.04
CA ILE C 100 16.10 20.27 0.21
C ILE C 100 17.19 21.24 -0.35
N TYR C 101 18.44 20.86 -0.16
CA TYR C 101 19.62 21.55 -0.69
C TYR C 101 20.51 20.64 -1.53
N VAL C 102 20.60 20.96 -2.82
CA VAL C 102 21.46 20.26 -3.73
C VAL C 102 22.78 21.08 -3.82
N ILE C 103 23.87 20.52 -3.35
CA ILE C 103 25.10 21.26 -3.31
C ILE C 103 25.90 20.93 -4.57
N ASN C 104 25.87 21.83 -5.56
CA ASN C 104 26.42 21.62 -6.88
C ASN C 104 27.88 22.14 -6.99
N GLN C 105 28.84 21.22 -7.17
CA GLN C 105 30.27 21.57 -7.40
C GLN C 105 30.50 22.31 -8.70
N ALA C 106 30.81 23.60 -8.58
CA ALA C 106 31.15 24.42 -9.77
C ALA C 106 32.41 23.81 -10.40
N GLY C 107 32.46 23.89 -11.73
CA GLY C 107 33.66 23.59 -12.51
C GLY C 107 33.86 22.11 -12.76
N ASP C 108 35.07 21.74 -13.20
CA ASP C 108 35.26 20.38 -13.72
C ASP C 108 36.48 19.70 -13.20
N THR C 109 36.96 20.10 -12.04
CA THR C 109 38.05 19.38 -11.43
C THR C 109 37.53 18.32 -10.43
N ILE C 110 38.43 17.61 -9.79
CA ILE C 110 38.07 16.41 -9.05
C ILE C 110 36.99 16.67 -7.97
N PHE C 111 36.10 15.69 -7.81
CA PHE C 111 34.92 15.83 -6.93
C PHE C 111 35.27 15.71 -5.44
N ASN C 112 34.59 16.47 -4.60
CA ASN C 112 34.87 16.32 -3.17
C ASN C 112 33.55 16.20 -2.42
N ARG C 113 33.06 14.96 -2.27
CA ARG C 113 31.75 14.73 -1.63
C ARG C 113 31.57 15.40 -0.28
N ALA C 114 32.47 15.11 0.65
CA ALA C 114 32.39 15.54 2.05
C ALA C 114 32.45 17.06 2.22
N LYS C 115 33.20 17.73 1.34
CA LYS C 115 33.30 19.18 1.39
C LYS C 115 31.98 19.83 0.90
N LEU C 116 31.39 19.30 -0.17
CA LEU C 116 30.06 19.73 -0.54
C LEU C 116 29.07 19.57 0.63
N LEU C 117 29.20 18.47 1.36
CA LEU C 117 28.35 18.23 2.53
C LEU C 117 28.53 19.30 3.61
N ASN C 118 29.78 19.61 3.93
CA ASN C 118 30.08 20.71 4.85
C ASN C 118 29.47 22.03 4.37
N VAL C 119 29.62 22.34 3.10
CA VAL C 119 29.04 23.58 2.58
C VAL C 119 27.53 23.56 2.86
N GLY C 120 26.87 22.42 2.60
CA GLY C 120 25.41 22.37 2.79
C GLY C 120 24.99 22.68 4.22
N PHE C 121 25.72 22.13 5.19
CA PHE C 121 25.47 22.40 6.62
C PHE C 121 25.50 23.91 6.86
N GLN C 122 26.60 24.55 6.42
CA GLN C 122 26.76 25.99 6.68
C GLN C 122 25.68 26.84 5.99
N GLU C 123 25.48 26.58 4.71
CA GLU C 123 24.55 27.33 3.90
C GLU C 123 23.08 27.13 4.29
N ALA C 124 22.69 25.92 4.67
CA ALA C 124 21.30 25.73 5.05
C ALA C 124 21.02 26.51 6.32
N LEU C 125 21.96 26.46 7.24
CA LEU C 125 21.80 27.21 8.49
C LEU C 125 21.59 28.73 8.28
N LYS C 126 21.99 29.28 7.13
CA LYS C 126 21.67 30.69 6.83
C LYS C 126 20.23 30.92 6.39
N ASP C 127 19.54 29.89 5.90
CA ASP C 127 18.10 30.02 5.57
C ASP C 127 17.23 29.93 6.81
N TYR C 128 17.56 29.04 7.72
CA TYR C 128 16.57 28.65 8.75
C TYR C 128 17.29 27.98 9.89
N ASP C 129 16.66 27.98 11.04
CA ASP C 129 17.20 27.33 12.25
C ASP C 129 17.10 25.79 12.24
N TYR C 130 17.63 25.09 11.22
CA TYR C 130 17.60 23.63 11.22
C TYR C 130 18.39 23.03 12.37
N THR C 131 17.90 21.92 12.92
CA THR C 131 18.65 21.30 13.98
C THR C 131 19.02 19.84 13.68
N CYS C 132 18.78 19.43 12.45
CA CYS C 132 19.00 18.03 12.06
C CYS C 132 19.41 18.11 10.62
N PHE C 133 20.47 17.37 10.26
CA PHE C 133 20.91 17.33 8.88
C PHE C 133 20.97 15.88 8.37
N VAL C 134 20.35 15.65 7.21
CA VAL C 134 20.40 14.35 6.56
C VAL C 134 21.28 14.58 5.36
N PHE C 135 22.32 13.78 5.27
CA PHE C 135 23.20 13.84 4.15
C PHE C 135 22.91 12.63 3.25
N SER C 136 22.42 12.87 2.04
CA SER C 136 22.03 11.78 1.16
C SER C 136 22.67 11.85 -0.21
N ASP C 137 23.32 10.76 -0.65
CA ASP C 137 23.64 10.67 -2.08
C ASP C 137 22.37 10.81 -2.89
N VAL C 138 22.50 11.24 -4.14
CA VAL C 138 21.37 11.61 -4.97
C VAL C 138 20.74 10.36 -5.62
N ASP C 139 21.40 9.22 -5.52
CA ASP C 139 20.92 8.04 -6.27
C ASP C 139 20.51 6.94 -5.30
N LEU C 140 20.14 7.33 -4.07
CA LEU C 140 19.68 6.35 -3.06
C LEU C 140 18.25 6.69 -2.66
N ILE C 141 17.35 5.71 -2.79
CA ILE C 141 15.91 5.92 -2.59
C ILE C 141 15.39 4.93 -1.54
N PRO C 142 14.82 5.43 -0.41
CA PRO C 142 14.29 4.52 0.61
C PRO C 142 13.06 3.77 0.06
N MET C 143 12.91 2.46 0.33
CA MET C 143 11.70 1.72 -0.10
C MET C 143 10.59 1.69 0.98
N ASN C 144 10.92 2.14 2.19
CA ASN C 144 10.00 2.05 3.32
C ASN C 144 9.95 3.41 4.10
N ASP C 145 8.78 4.05 4.12
CA ASP C 145 8.64 5.39 4.75
C ASP C 145 8.70 5.34 6.26
N HIS C 146 8.93 4.16 6.86
CA HIS C 146 9.17 4.04 8.30
C HIS C 146 10.62 4.32 8.60
N ASN C 147 11.41 4.46 7.54
CA ASN C 147 12.85 4.72 7.72
C ASN C 147 13.02 6.24 7.89
N ALA C 148 13.19 6.69 9.12
CA ALA C 148 12.93 8.12 9.43
C ALA C 148 14.08 8.97 8.86
N TYR C 149 13.75 9.95 8.05
CA TYR C 149 14.80 10.89 7.61
C TYR C 149 15.00 12.05 8.62
N ARG C 150 15.41 11.72 9.82
CA ARG C 150 15.64 12.76 10.82
C ARG C 150 16.66 12.26 11.83
N CYS C 151 16.96 13.11 12.83
CA CYS C 151 17.99 12.83 13.84
C CYS C 151 17.51 12.06 15.05
N PHE C 152 18.46 11.37 15.67
CA PHE C 152 18.22 10.55 16.84
C PHE C 152 19.27 10.97 17.92
N SER C 153 19.17 10.37 19.09
CA SER C 153 20.05 10.70 20.19
C SER C 153 21.50 10.27 19.88
N GLN C 154 21.71 9.36 18.91
CA GLN C 154 23.05 9.06 18.35
C GLN C 154 22.98 9.29 16.85
N PRO C 155 24.14 9.46 16.22
CA PRO C 155 24.20 9.66 14.81
C PRO C 155 23.56 8.47 14.11
N ARG C 156 22.88 8.74 13.01
CA ARG C 156 21.91 7.79 12.47
C ARG C 156 22.41 7.40 11.10
N HIS C 157 22.65 6.10 10.91
CA HIS C 157 22.84 5.60 9.55
C HIS C 157 21.53 5.05 8.95
N ILE C 158 21.13 5.57 7.80
CA ILE C 158 19.80 5.46 7.24
C ILE C 158 19.75 4.49 6.05
N SER C 159 20.74 4.52 5.14
CA SER C 159 20.73 3.59 3.96
C SER C 159 21.39 2.24 4.36
N VAL C 160 20.73 1.46 5.20
CA VAL C 160 21.36 0.32 5.84
C VAL C 160 21.28 -1.01 5.03
N ALA C 161 20.35 -1.08 4.08
CA ALA C 161 20.13 -2.34 3.35
C ALA C 161 19.95 -2.02 1.88
N MET C 162 21.02 -1.64 1.21
CA MET C 162 20.93 -1.20 -0.19
C MET C 162 20.92 -2.43 -1.10
N ASP C 163 20.08 -2.40 -2.13
CA ASP C 163 20.10 -3.53 -3.09
C ASP C 163 21.54 -3.82 -3.60
N LYS C 164 22.23 -2.75 -3.98
CA LYS C 164 23.58 -2.92 -4.54
C LYS C 164 24.54 -3.62 -3.60
N PHE C 165 24.24 -3.69 -2.31
CA PHE C 165 25.06 -4.47 -1.37
C PHE C 165 24.41 -5.76 -0.86
N GLY C 166 23.49 -6.33 -1.65
CA GLY C 166 22.80 -7.56 -1.26
C GLY C 166 21.86 -7.37 -0.07
N PHE C 167 21.25 -6.19 -0.01
CA PHE C 167 20.34 -5.84 1.08
C PHE C 167 20.87 -6.00 2.48
N SER C 168 22.17 -5.85 2.68
CA SER C 168 22.67 -5.54 4.00
C SER C 168 23.81 -4.52 3.94
N LEU C 169 24.56 -4.41 5.03
CA LEU C 169 25.69 -3.50 5.12
C LEU C 169 26.83 -4.18 4.40
N PRO C 170 27.67 -3.39 3.72
CA PRO C 170 28.86 -3.99 3.10
C PRO C 170 29.88 -4.31 4.16
N TYR C 171 29.81 -3.62 5.30
CA TYR C 171 30.64 -3.98 6.44
C TYR C 171 30.03 -3.20 7.60
N VAL C 172 30.25 -3.65 8.84
CA VAL C 172 29.43 -3.20 9.96
C VAL C 172 29.69 -1.71 10.31
N GLN C 173 30.86 -1.19 9.93
CA GLN C 173 31.23 0.21 10.20
C GLN C 173 30.99 1.17 9.02
N TYR C 174 30.28 0.70 8.00
CA TYR C 174 29.88 1.51 6.88
C TYR C 174 28.88 2.57 7.30
N PHE C 175 29.17 3.81 6.86
CA PHE C 175 28.45 5.01 7.23
C PHE C 175 28.17 5.86 6.00
N GLY C 176 28.36 5.32 4.80
CA GLY C 176 28.05 6.10 3.60
C GLY C 176 26.61 6.06 3.12
N GLY C 177 26.33 6.73 2.01
CA GLY C 177 25.05 6.66 1.38
C GLY C 177 24.08 7.73 1.92
N VAL C 178 23.36 7.40 3.01
CA VAL C 178 22.39 8.30 3.61
C VAL C 178 22.59 8.24 5.12
N SER C 179 22.81 9.40 5.74
CA SER C 179 22.98 9.45 7.17
C SER C 179 22.37 10.75 7.72
N ALA C 180 22.16 10.80 9.03
CA ALA C 180 21.60 12.01 9.66
C ALA C 180 22.39 12.29 10.91
N LEU C 181 22.68 13.58 11.12
CA LEU C 181 23.41 14.00 12.33
C LEU C 181 22.68 15.21 12.88
N SER C 182 22.46 15.27 14.17
CA SER C 182 21.88 16.49 14.73
C SER C 182 22.94 17.59 14.61
N LYS C 183 22.51 18.82 14.79
CA LYS C 183 23.46 19.93 14.71
C LYS C 183 24.60 19.70 15.72
N GLN C 184 24.26 19.31 16.95
CA GLN C 184 25.27 19.15 18.00
CA GLN C 184 25.27 19.12 18.01
C GLN C 184 26.25 18.03 17.63
N GLN C 185 25.72 16.91 17.13
CA GLN C 185 26.59 15.81 16.70
C GLN C 185 27.57 16.26 15.65
N PHE C 186 27.08 16.98 14.64
CA PHE C 186 27.94 17.53 13.59
C PHE C 186 29.04 18.51 14.11
N LEU C 187 28.63 19.41 14.99
CA LEU C 187 29.57 20.37 15.62
C LEU C 187 30.58 19.61 16.50
N THR C 188 30.10 18.59 17.20
CA THR C 188 30.95 17.85 18.12
C THR C 188 32.16 17.23 17.42
N ILE C 189 31.99 16.81 16.17
CA ILE C 189 33.10 16.21 15.40
C ILE C 189 33.80 17.19 14.47
N ASN C 190 33.54 18.49 14.61
CA ASN C 190 34.14 19.48 13.71
C ASN C 190 33.75 19.20 12.28
N GLY C 191 32.50 18.80 12.07
CA GLY C 191 32.03 18.50 10.71
C GLY C 191 32.84 17.43 10.01
N PHE C 192 32.89 17.51 8.69
CA PHE C 192 33.42 16.44 7.90
C PHE C 192 34.77 16.95 7.41
N PRO C 193 35.69 16.05 7.00
CA PRO C 193 36.99 16.46 6.48
C PRO C 193 36.86 17.13 5.10
N ASN C 194 37.78 18.05 4.77
CA ASN C 194 37.79 18.76 3.49
C ASN C 194 38.76 18.26 2.46
N ASN C 195 39.64 17.34 2.86
CA ASN C 195 40.73 16.87 2.01
C ASN C 195 40.65 15.45 1.46
N TYR C 196 39.43 14.92 1.31
CA TYR C 196 39.25 13.67 0.60
C TYR C 196 38.78 14.05 -0.75
N TRP C 197 39.66 13.96 -1.75
CA TRP C 197 39.36 14.35 -3.12
C TRP C 197 39.21 13.08 -3.93
N GLY C 198 38.21 13.01 -4.79
CA GLY C 198 37.91 11.78 -5.51
C GLY C 198 37.27 10.73 -4.61
N TRP C 199 36.95 9.58 -5.21
CA TRP C 199 36.17 8.52 -4.58
C TRP C 199 36.87 7.79 -3.44
N GLY C 200 36.11 7.61 -2.36
CA GLY C 200 36.50 6.74 -1.25
C GLY C 200 37.00 7.34 0.04
N GLY C 201 36.54 6.76 1.13
CA GLY C 201 37.11 6.93 2.46
C GLY C 201 36.52 8.03 3.32
N GLU C 202 35.87 9.01 2.69
CA GLU C 202 35.43 10.19 3.48
C GLU C 202 34.37 9.79 4.52
N ASP C 203 33.54 8.82 4.15
CA ASP C 203 32.53 8.28 5.07
C ASP C 203 33.11 7.48 6.23
N ASP C 204 34.17 6.71 5.97
CA ASP C 204 34.91 6.03 7.03
C ASP C 204 35.54 7.04 7.97
N ASP C 205 36.09 8.10 7.40
CA ASP C 205 36.66 9.16 8.25
C ASP C 205 35.56 9.69 9.18
N ILE C 206 34.39 9.97 8.61
CA ILE C 206 33.25 10.47 9.40
C ILE C 206 32.86 9.47 10.47
N PHE C 207 32.79 8.19 10.12
CA PHE C 207 32.62 7.16 11.13
C PHE C 207 33.68 7.26 12.23
N ASN C 208 34.96 7.38 11.85
CA ASN C 208 36.00 7.47 12.91
C ASN C 208 35.82 8.66 13.85
N ARG C 209 35.48 9.82 13.28
CA ARG C 209 35.28 11.05 14.07
C ARG C 209 34.23 10.79 15.15
N LEU C 210 33.12 10.19 14.74
CA LEU C 210 31.97 9.98 15.66
C LEU C 210 32.36 9.06 16.81
N VAL C 211 33.03 7.97 16.43
CA VAL C 211 33.55 7.01 17.39
C VAL C 211 34.56 7.68 18.34
N PHE C 212 35.48 8.45 17.78
CA PHE C 212 36.47 9.15 18.59
C PHE C 212 35.83 10.20 19.47
N ARG C 213 34.60 10.62 19.17
CA ARG C 213 33.92 11.57 20.07
C ARG C 213 32.92 10.89 20.97
N GLY C 214 33.07 9.57 21.13
CA GLY C 214 32.23 8.88 22.10
C GLY C 214 30.83 8.50 21.63
N MET C 215 30.55 8.60 20.34
CA MET C 215 29.23 8.25 19.80
C MET C 215 29.24 6.84 19.21
N SER C 216 28.06 6.28 18.96
CA SER C 216 27.95 4.99 18.25
C SER C 216 26.82 5.10 17.23
N ILE C 217 26.82 4.26 16.20
CA ILE C 217 25.89 4.44 15.09
C ILE C 217 24.50 3.83 15.39
N SER C 218 23.43 4.63 15.25
CA SER C 218 22.05 4.15 15.33
C SER C 218 21.55 3.78 13.93
N ARG C 219 20.77 2.70 13.84
CA ARG C 219 20.25 2.21 12.55
C ARG C 219 18.84 1.65 12.70
N PRO C 220 17.97 1.84 11.70
CA PRO C 220 16.70 1.08 11.66
C PRO C 220 17.00 -0.41 11.37
N ASN C 221 16.03 -1.32 11.53
CA ASN C 221 16.25 -2.70 11.05
C ASN C 221 16.45 -2.80 9.53
N ALA C 222 17.02 -3.92 9.10
CA ALA C 222 17.29 -4.15 7.69
C ALA C 222 16.08 -4.02 6.81
N VAL C 223 14.92 -4.47 7.27
CA VAL C 223 13.77 -4.41 6.39
C VAL C 223 13.32 -2.97 6.19
N VAL C 224 13.20 -2.24 7.29
CA VAL C 224 12.74 -0.86 7.19
C VAL C 224 13.76 -0.03 6.41
N GLY C 225 15.02 -0.43 6.56
CA GLY C 225 16.12 0.32 5.99
C GLY C 225 16.47 -0.07 4.57
N THR C 226 15.59 -0.81 3.91
CA THR C 226 15.85 -1.27 2.54
C THR C 226 15.93 -0.06 1.64
N THR C 227 17.02 0.01 0.87
CA THR C 227 17.25 1.18 -0.02
C THR C 227 17.61 0.79 -1.46
N ARG C 228 17.04 1.45 -2.46
CA ARG C 228 17.42 1.19 -3.85
C ARG C 228 18.44 2.24 -4.38
N HIS C 229 19.43 1.76 -5.12
CA HIS C 229 20.48 2.59 -5.73
C HIS C 229 20.24 2.69 -7.23
N ILE C 230 20.16 3.90 -7.79
CA ILE C 230 20.00 4.04 -9.24
C ILE C 230 21.31 3.58 -9.90
N ARG C 231 21.22 2.45 -10.60
CA ARG C 231 22.36 1.85 -11.33
C ARG C 231 22.94 2.90 -12.31
N HIS C 232 24.26 3.08 -12.33
CA HIS C 232 24.92 4.08 -13.22
C HIS C 232 26.40 3.79 -13.51
N SER C 233 26.91 4.27 -14.62
CA SER C 233 28.36 4.10 -14.94
C SER C 233 29.28 5.09 -14.22
N ARG C 234 30.59 4.82 -14.27
CA ARG C 234 31.61 5.73 -13.75
C ARG C 234 31.29 7.23 -13.93
N ASP C 235 31.47 8.02 -12.87
CA ASP C 235 31.52 9.46 -13.04
C ASP C 235 32.94 9.83 -13.50
N LYS C 236 33.07 10.66 -14.53
CA LYS C 236 34.39 11.25 -14.84
C LYS C 236 34.80 12.18 -13.68
N LYS C 237 36.08 12.17 -13.30
CA LYS C 237 36.62 13.14 -12.32
C LYS C 237 36.17 12.94 -10.87
N ASN C 238 35.91 11.68 -10.54
CA ASN C 238 35.82 11.24 -9.15
C ASN C 238 36.54 9.90 -9.06
N GLU C 239 37.82 9.89 -9.42
CA GLU C 239 38.64 8.69 -9.43
C GLU C 239 39.00 8.20 -8.02
N PRO C 240 39.09 6.87 -7.83
CA PRO C 240 39.48 6.32 -6.55
C PRO C 240 40.68 7.07 -5.99
N ASN C 241 40.58 7.56 -4.77
CA ASN C 241 41.64 8.34 -4.18
C ASN C 241 42.68 7.43 -3.56
N PRO C 242 43.92 7.45 -4.11
CA PRO C 242 44.96 6.53 -3.64
C PRO C 242 45.37 6.84 -2.22
N GLN C 243 45.18 8.07 -1.76
CA GLN C 243 45.61 8.41 -0.40
C GLN C 243 44.59 8.04 0.68
N ARG C 244 43.45 7.45 0.30
CA ARG C 244 42.32 7.33 1.24
C ARG C 244 42.59 6.44 2.45
N PHE C 245 43.41 5.40 2.26
CA PHE C 245 43.73 4.51 3.38
C PHE C 245 44.61 5.16 4.44
N ASP C 246 45.60 5.93 3.98
CA ASP C 246 46.47 6.65 4.92
C ASP C 246 45.66 7.67 5.67
N ARG C 247 44.72 8.30 4.96
CA ARG C 247 43.88 9.34 5.55
C ARG C 247 43.00 8.84 6.70
N ILE C 248 42.25 7.76 6.47
CA ILE C 248 41.39 7.22 7.52
C ILE C 248 42.19 6.75 8.73
N ALA C 249 43.43 6.32 8.48
CA ALA C 249 44.26 5.89 9.58
C ALA C 249 44.61 7.06 10.52
N HIS C 250 44.50 8.29 10.03
CA HIS C 250 44.93 9.46 10.83
C HIS C 250 43.84 10.42 11.31
N THR C 251 42.59 10.02 11.12
CA THR C 251 41.41 10.77 11.58
C THR C 251 41.51 11.41 12.97
N LYS C 252 41.89 10.65 13.99
CA LYS C 252 41.94 11.21 15.35
C LYS C 252 42.74 12.51 15.47
N GLU C 253 43.84 12.59 14.72
CA GLU C 253 44.76 13.74 14.75
C GLU C 253 44.22 14.86 13.87
N THR C 254 43.91 14.52 12.62
CA THR C 254 43.57 15.52 11.63
C THR C 254 42.22 16.16 11.84
N MET C 255 41.35 15.56 12.66
CA MET C 255 39.95 16.01 12.75
C MET C 255 39.89 17.26 13.62
N LEU C 256 40.82 17.33 14.57
CA LEU C 256 41.07 18.51 15.37
C LEU C 256 41.18 19.78 14.49
N SER C 257 41.92 19.70 13.39
CA SER C 257 42.29 20.90 12.62
C SER C 257 41.71 20.92 11.22
N ASP C 258 41.00 19.87 10.84
CA ASP C 258 40.42 19.85 9.50
C ASP C 258 38.90 19.56 9.47
N GLY C 259 38.11 20.59 9.20
CA GLY C 259 36.69 20.38 9.03
C GLY C 259 35.99 21.69 8.92
N LEU C 260 34.98 21.86 9.75
CA LEU C 260 34.12 23.03 9.73
C LEU C 260 34.95 24.28 10.07
N ASN C 261 35.87 24.14 11.02
CA ASN C 261 36.76 25.21 11.42
C ASN C 261 37.88 25.52 10.44
N SER C 262 37.98 24.80 9.32
CA SER C 262 38.99 25.05 8.32
C SER C 262 38.32 25.16 6.97
N LEU C 263 37.00 25.13 6.98
CA LEU C 263 36.25 25.13 5.71
C LEU C 263 36.28 26.47 4.98
N THR C 264 36.70 26.44 3.72
CA THR C 264 36.63 27.63 2.88
C THR C 264 36.02 27.25 1.53
N TYR C 265 35.28 28.16 0.92
CA TYR C 265 34.61 27.92 -0.36
C TYR C 265 33.94 29.21 -0.83
N GLN C 266 33.49 29.26 -2.07
CA GLN C 266 32.77 30.41 -2.53
C GLN C 266 31.44 30.09 -3.20
N VAL C 267 30.33 30.51 -2.62
CA VAL C 267 29.07 30.32 -3.35
C VAL C 267 28.99 31.19 -4.60
N LEU C 268 28.61 30.62 -5.74
CA LEU C 268 28.45 31.38 -6.98
C LEU C 268 27.01 31.73 -7.38
N ASP C 269 26.08 30.76 -7.28
CA ASP C 269 24.65 31.03 -7.47
C ASP C 269 23.76 30.14 -6.60
N VAL C 270 22.66 30.70 -6.14
CA VAL C 270 21.66 29.95 -5.38
C VAL C 270 20.39 30.01 -6.22
N GLN C 271 19.92 28.86 -6.67
CA GLN C 271 18.68 28.80 -7.44
C GLN C 271 17.54 28.34 -6.50
N ARG C 272 16.43 29.09 -6.41
CA ARG C 272 15.29 28.58 -5.63
C ARG C 272 14.33 27.91 -6.60
N TYR C 273 14.58 26.65 -6.96
CA TYR C 273 13.62 25.93 -7.82
C TYR C 273 12.35 25.50 -7.03
N PRO C 274 11.27 25.11 -7.75
CA PRO C 274 10.07 24.73 -6.99
C PRO C 274 10.29 23.64 -5.93
N LEU C 275 11.07 22.62 -6.27
CA LEU C 275 11.29 21.43 -5.42
C LEU C 275 12.61 21.32 -4.66
N TYR C 276 13.46 22.33 -4.81
CA TYR C 276 14.75 22.28 -4.14
C TYR C 276 15.51 23.59 -4.34
N THR C 277 16.50 23.81 -3.48
CA THR C 277 17.42 24.91 -3.57
C THR C 277 18.75 24.33 -4.00
N GLN C 278 19.24 24.84 -5.12
CA GLN C 278 20.55 24.47 -5.62
C GLN C 278 21.57 25.59 -5.33
N ILE C 279 22.59 25.22 -4.55
CA ILE C 279 23.77 26.01 -4.25
C ILE C 279 24.98 25.54 -5.08
N THR C 280 25.34 26.32 -6.10
CA THR C 280 26.54 26.07 -6.91
C THR C 280 27.71 26.75 -6.24
N VAL C 281 28.74 25.96 -5.94
CA VAL C 281 29.78 26.39 -5.04
C VAL C 281 31.16 26.03 -5.59
N ASP C 282 32.11 26.95 -5.37
CA ASP C 282 33.53 26.73 -5.73
C ASP C 282 34.18 26.22 -4.49
N ILE C 283 34.57 24.94 -4.51
CA ILE C 283 35.14 24.33 -3.32
C ILE C 283 36.66 24.13 -3.46
N GLY C 284 37.17 24.51 -4.62
CA GLY C 284 38.62 24.61 -4.84
C GLY C 284 39.15 23.33 -5.46
N THR C 285 40.45 23.08 -5.23
CA THR C 285 41.14 21.95 -5.88
C THR C 285 42.17 21.43 -4.89
N PRO C 286 42.64 20.19 -5.08
CA PRO C 286 43.64 19.65 -4.17
C PRO C 286 44.91 20.52 -4.22
N SER C 287 45.62 20.66 -3.11
CA SER C 287 46.89 21.43 -3.15
C SER C 287 48.02 20.77 -3.98
#